data_9II9
#
_entry.id   9II9
#
_cell.length_a   147.450
_cell.length_b   147.450
_cell.length_c   154.930
_cell.angle_alpha   90.000
_cell.angle_beta   90.000
_cell.angle_gamma   90.000
#
_symmetry.space_group_name_H-M   'P 41 21 2'
#
loop_
_entity.id
_entity.type
_entity.pdbx_description
1 polymer 'antigen-binding fragments (Fabs)'
2 polymer 'antigen-binding fragments (Fabs)'
#
loop_
_entity_poly.entity_id
_entity_poly.type
_entity_poly.pdbx_seq_one_letter_code
_entity_poly.pdbx_strand_id
1 'polypeptide(L)'
;EVQLVESGGGLVQPGGSLRLSCAASGIIVSRNYMTWVRQAPGKGLEWVSVIYSGGTTYYADSVKGRFTTSRDDSKNTLYL
QMNSLRGDDTAVYYCARDPPHRRGSYWGQGTLVTVSSASTKGPSVFPLAPSSKSTSGGTAALGCLVKDYFPEPVTVSWNS
GALTSGVHTFPAVLQSSGLYSLSSVVTVPSSSLGTQTYICNVNHKPSNTKVDKKVEPK
;
A,C
2 'polypeptide(L)'
;DILMTQSPSSLSASVGDRVTITCQASQDINKYLNWYQQKPGKAPKLLIYDASNLETGVPSRFSGSGSGTDFSFTISSLQP
EDVATYYCQQSDNLPPTFGQGTNVEIKRTVAAPSVFIFPPSDEQLKSGTASVVCLLNNFYPREAKVQWKVDNALQSGNSQ
ESVTEQDSKDSTYSLSSTLTLSKADYEKHKVYACEVTHQGLSLPVTKSFNRGEC
;
B,D
#
# COMPACT_ATOMS: atom_id res chain seq x y z
N GLU A 1 7.76 13.34 -2.77
CA GLU A 1 6.98 14.36 -3.45
C GLU A 1 6.43 15.35 -2.44
N VAL A 2 5.21 15.08 -1.97
CA VAL A 2 4.54 15.91 -0.99
C VAL A 2 4.91 15.42 0.40
N GLN A 3 5.40 16.34 1.24
CA GLN A 3 5.93 15.94 2.53
C GLN A 3 6.00 17.15 3.46
N LEU A 4 6.03 16.86 4.76
CA LEU A 4 6.31 17.82 5.80
C LEU A 4 7.51 17.34 6.60
N VAL A 5 8.44 18.25 6.87
CA VAL A 5 9.69 17.89 7.54
C VAL A 5 9.85 18.77 8.76
N GLU A 6 9.92 18.15 9.92
CA GLU A 6 10.17 18.85 11.18
C GLU A 6 11.65 18.88 11.49
N SER A 7 12.08 19.91 12.21
CA SER A 7 13.45 20.06 12.65
C SER A 7 13.48 21.02 13.83
N GLY A 8 14.61 21.05 14.53
CA GLY A 8 14.81 21.96 15.64
C GLY A 8 14.77 21.31 17.00
N GLY A 9 14.27 20.08 17.10
CA GLY A 9 14.24 19.39 18.36
C GLY A 9 15.63 19.13 18.91
N GLY A 10 15.65 18.81 20.20
CA GLY A 10 16.89 18.48 20.87
C GLY A 10 16.65 18.41 22.36
N LEU A 11 17.76 18.38 23.10
CA LEU A 11 17.72 18.31 24.55
C LEU A 11 18.06 19.68 25.12
N VAL A 12 17.11 20.27 25.85
CA VAL A 12 17.27 21.59 26.43
C VAL A 12 17.07 21.48 27.94
N GLN A 13 17.37 22.56 28.62
CA GLN A 13 17.24 22.66 30.07
C GLN A 13 15.85 23.17 30.43
N PRO A 14 15.30 22.74 31.56
CA PRO A 14 14.05 23.32 32.05
C PRO A 14 14.13 24.84 32.15
N GLY A 15 13.13 25.51 31.59
CA GLY A 15 13.14 26.94 31.49
C GLY A 15 13.78 27.49 30.23
N GLY A 16 14.41 26.63 29.42
CA GLY A 16 14.99 27.06 28.17
C GLY A 16 13.97 27.23 27.07
N SER A 17 14.47 27.59 25.89
CA SER A 17 13.63 27.85 24.72
C SER A 17 14.05 26.95 23.57
N LEU A 18 13.22 26.94 22.53
CA LEU A 18 13.45 26.12 21.35
C LEU A 18 12.56 26.63 20.23
N ARG A 19 13.02 26.43 19.00
CA ARG A 19 12.29 26.85 17.80
C ARG A 19 12.20 25.67 16.85
N LEU A 20 11.01 25.09 16.74
CA LEU A 20 10.77 23.99 15.82
C LEU A 20 10.33 24.54 14.47
N SER A 21 10.79 23.90 13.39
CA SER A 21 10.49 24.33 12.04
C SER A 21 9.89 23.16 11.26
N CYS A 22 8.90 23.46 10.44
CA CYS A 22 8.22 22.46 9.62
C CYS A 22 8.18 22.96 8.18
N ALA A 23 9.01 22.35 7.33
CA ALA A 23 9.12 22.74 5.93
C ALA A 23 8.14 21.94 5.08
N ALA A 24 7.31 22.63 4.31
CA ALA A 24 6.28 22.02 3.48
C ALA A 24 6.72 21.97 2.03
N SER A 25 6.58 20.80 1.42
CA SER A 25 6.85 20.61 0.00
C SER A 25 5.60 19.99 -0.63
N GLY A 26 5.03 20.67 -1.62
CA GLY A 26 3.78 20.25 -2.21
C GLY A 26 2.54 20.81 -1.54
N ILE A 27 2.69 21.43 -0.37
CA ILE A 27 1.59 22.06 0.35
C ILE A 27 1.95 23.53 0.58
N ILE A 28 1.07 24.43 0.17
CA ILE A 28 1.28 25.85 0.44
C ILE A 28 0.77 26.14 1.84
N VAL A 29 1.70 26.42 2.77
CA VAL A 29 1.35 26.60 4.17
C VAL A 29 0.47 27.83 4.38
N SER A 30 0.41 28.72 3.39
CA SER A 30 -0.45 29.91 3.47
C SER A 30 -1.90 29.61 3.14
N ARG A 31 -2.20 28.48 2.50
CA ARG A 31 -3.54 28.18 2.04
C ARG A 31 -4.31 27.24 2.97
N ASN A 32 -3.62 26.38 3.71
CA ASN A 32 -4.28 25.49 4.64
C ASN A 32 -3.93 25.87 6.07
N TYR A 33 -4.68 25.30 7.02
CA TYR A 33 -4.39 25.46 8.43
C TYR A 33 -3.44 24.35 8.87
N MET A 34 -2.41 24.72 9.62
CA MET A 34 -1.39 23.78 10.07
C MET A 34 -1.49 23.56 11.56
N THR A 35 -1.14 22.35 11.98
CA THR A 35 -1.35 21.91 13.34
C THR A 35 -0.03 21.37 13.89
N TRP A 36 0.21 21.63 15.17
CA TRP A 36 1.31 21.03 15.90
C TRP A 36 0.74 20.02 16.88
N VAL A 37 1.17 18.76 16.77
CA VAL A 37 0.77 17.72 17.70
C VAL A 37 2.02 17.13 18.34
N ARG A 38 1.85 16.62 19.57
CA ARG A 38 2.98 16.09 20.32
C ARG A 38 2.58 14.79 21.01
N GLN A 39 3.59 13.94 21.22
CA GLN A 39 3.37 12.61 21.79
C GLN A 39 4.50 12.28 22.74
N ALA A 40 4.19 12.18 24.04
CA ALA A 40 5.19 11.83 25.03
C ALA A 40 5.68 10.41 24.81
N PRO A 41 6.89 10.08 25.30
CA PRO A 41 7.40 8.71 25.11
C PRO A 41 6.46 7.65 25.66
N GLY A 42 5.93 6.81 24.78
CA GLY A 42 5.06 5.73 25.19
C GLY A 42 3.66 6.14 25.60
N LYS A 43 3.21 7.32 25.19
CA LYS A 43 1.89 7.84 25.54
C LYS A 43 1.11 8.12 24.26
N GLY A 44 -0.09 8.69 24.43
CA GLY A 44 -0.94 9.02 23.31
C GLY A 44 -0.61 10.37 22.70
N LEU A 45 -1.55 10.86 21.90
CA LEU A 45 -1.37 12.11 21.16
C LEU A 45 -2.12 13.25 21.84
N GLU A 46 -1.52 14.43 21.83
CA GLU A 46 -2.10 15.62 22.44
C GLU A 46 -1.95 16.80 21.49
N TRP A 47 -3.08 17.37 21.08
CA TRP A 47 -3.07 18.55 20.22
C TRP A 47 -2.41 19.71 20.94
N VAL A 48 -1.46 20.36 20.27
CA VAL A 48 -0.69 21.44 20.88
C VAL A 48 -1.20 22.79 20.42
N SER A 49 -1.21 23.02 19.10
CA SER A 49 -1.58 24.33 18.57
C SER A 49 -2.03 24.19 17.13
N VAL A 50 -2.63 25.27 16.62
CA VAL A 50 -3.08 25.36 15.24
C VAL A 50 -2.99 26.81 14.78
N ILE A 51 -2.72 27.00 13.50
CA ILE A 51 -2.72 28.30 12.86
C ILE A 51 -3.52 28.21 11.56
N TYR A 52 -4.39 29.18 11.34
CA TYR A 52 -5.32 29.18 10.22
C TYR A 52 -4.75 29.98 9.05
N SER A 53 -5.39 29.83 7.88
CA SER A 53 -4.97 30.60 6.72
C SER A 53 -5.07 32.10 6.98
N GLY A 54 -6.13 32.52 7.66
CA GLY A 54 -6.31 33.92 8.00
C GLY A 54 -5.30 34.46 8.98
N GLY A 55 -4.57 33.59 9.69
CA GLY A 55 -3.58 34.00 10.66
C GLY A 55 -3.97 33.76 12.10
N THR A 56 -5.17 33.25 12.35
CA THR A 56 -5.63 32.98 13.72
C THR A 56 -4.87 31.81 14.32
N THR A 57 -4.47 31.96 15.58
CA THR A 57 -3.73 30.91 16.29
C THR A 57 -4.50 30.50 17.53
N TYR A 58 -4.48 29.21 17.82
CA TYR A 58 -5.07 28.65 19.03
C TYR A 58 -4.07 27.71 19.66
N TYR A 59 -4.11 27.61 20.99
CA TYR A 59 -3.14 26.83 21.74
C TYR A 59 -3.82 26.04 22.84
N ALA A 60 -3.28 24.85 23.10
CA ALA A 60 -3.72 24.08 24.25
C ALA A 60 -3.44 24.84 25.54
N ASP A 61 -4.30 24.62 26.54
CA ASP A 61 -4.18 25.37 27.79
C ASP A 61 -2.85 25.11 28.48
N SER A 62 -2.31 23.90 28.35
CA SER A 62 -1.06 23.55 29.03
C SER A 62 0.15 24.27 28.46
N VAL A 63 0.07 24.82 27.25
CA VAL A 63 1.15 25.58 26.66
C VAL A 63 0.79 27.03 26.41
N LYS A 64 -0.41 27.46 26.80
CA LYS A 64 -0.79 28.84 26.58
C LYS A 64 0.14 29.76 27.36
N GLY A 65 0.54 30.85 26.72
CA GLY A 65 1.47 31.79 27.32
C GLY A 65 2.93 31.42 27.17
N ARG A 66 3.25 30.21 26.71
CA ARG A 66 4.62 29.77 26.53
C ARG A 66 4.97 29.45 25.08
N PHE A 67 4.04 28.90 24.32
CA PHE A 67 4.28 28.51 22.94
C PHE A 67 3.67 29.52 21.99
N THR A 68 4.26 29.66 20.81
CA THR A 68 3.80 30.60 19.80
C THR A 68 3.96 29.98 18.42
N THR A 69 2.85 29.86 17.69
CA THR A 69 2.85 29.32 16.34
C THR A 69 2.89 30.47 15.34
N SER A 70 3.74 30.33 14.32
CA SER A 70 3.85 31.32 13.26
C SER A 70 4.26 30.61 11.98
N ARG A 71 4.31 31.37 10.88
CA ARG A 71 4.71 30.79 9.61
C ARG A 71 5.24 31.87 8.69
N ASP A 72 6.23 31.52 7.88
CA ASP A 72 6.80 32.40 6.87
C ASP A 72 6.38 31.87 5.50
N ASP A 73 5.52 32.62 4.81
CA ASP A 73 4.99 32.15 3.54
C ASP A 73 6.05 32.16 2.44
N SER A 74 6.94 33.16 2.45
CA SER A 74 8.01 33.20 1.47
C SER A 74 8.92 31.99 1.59
N LYS A 75 9.10 31.46 2.81
CA LYS A 75 9.85 30.24 3.02
C LYS A 75 8.98 29.00 3.08
N ASN A 76 7.66 29.17 3.12
CA ASN A 76 6.70 28.05 3.15
C ASN A 76 7.00 27.11 4.32
N THR A 77 7.17 27.70 5.50
CA THR A 77 7.63 26.97 6.66
C THR A 77 6.82 27.39 7.88
N LEU A 78 6.35 26.39 8.63
CA LEU A 78 5.66 26.61 9.89
C LEU A 78 6.68 26.58 11.03
N TYR A 79 6.40 27.38 12.07
CA TYR A 79 7.30 27.50 13.21
C TYR A 79 6.52 27.31 14.50
N LEU A 80 7.18 26.74 15.51
CA LEU A 80 6.65 26.67 16.87
C LEU A 80 7.74 27.14 17.82
N GLN A 81 7.57 28.33 18.39
CA GLN A 81 8.50 28.87 19.36
C GLN A 81 8.07 28.45 20.76
N MET A 82 8.90 27.65 21.42
CA MET A 82 8.57 27.09 22.72
C MET A 82 9.45 27.74 23.79
N ASN A 83 8.84 28.47 24.70
CA ASN A 83 9.54 29.13 25.78
C ASN A 83 9.09 28.59 27.13
N SER A 84 9.87 28.89 28.17
CA SER A 84 9.59 28.47 29.54
C SER A 84 9.37 26.96 29.60
N LEU A 85 10.29 26.23 29.00
CA LEU A 85 10.09 24.80 28.79
C LEU A 85 10.09 24.04 30.11
N ARG A 86 9.20 23.06 30.21
CA ARG A 86 9.05 22.23 31.39
C ARG A 86 9.33 20.77 31.04
N GLY A 87 9.45 19.94 32.07
CA GLY A 87 9.72 18.53 31.84
C GLY A 87 8.60 17.81 31.11
N ASP A 88 7.35 18.17 31.38
CA ASP A 88 6.21 17.54 30.73
C ASP A 88 6.10 17.91 29.25
N ASP A 89 6.92 18.85 28.77
CA ASP A 89 6.94 19.17 27.36
C ASP A 89 7.76 18.19 26.54
N THR A 90 8.50 17.30 27.19
CA THR A 90 9.32 16.32 26.49
C THR A 90 8.40 15.41 25.67
N ALA A 91 8.56 15.43 24.36
CA ALA A 91 7.72 14.65 23.45
C ALA A 91 8.31 14.71 22.05
N VAL A 92 7.78 13.86 21.18
CA VAL A 92 7.98 13.98 19.74
C VAL A 92 6.93 14.95 19.23
N TYR A 93 7.36 15.90 18.40
CA TYR A 93 6.48 16.94 17.88
C TYR A 93 6.28 16.72 16.39
N TYR A 94 5.02 16.62 15.97
CA TYR A 94 4.65 16.50 14.56
C TYR A 94 3.91 17.75 14.11
N CYS A 95 4.16 18.18 12.88
CA CYS A 95 3.30 19.13 12.19
C CYS A 95 2.40 18.36 11.24
N ALA A 96 1.19 18.86 11.01
CA ALA A 96 0.22 18.16 10.20
C ALA A 96 -0.67 19.13 9.44
N ARG A 97 -1.07 18.73 8.24
CA ARG A 97 -2.18 19.36 7.53
C ARG A 97 -3.22 18.27 7.29
N ASP A 98 -4.30 18.29 8.09
CA ASP A 98 -5.42 17.42 7.85
C ASP A 98 -6.46 18.21 7.07
N PRO A 99 -6.68 17.93 5.79
CA PRO A 99 -7.61 18.73 5.00
C PRO A 99 -9.00 18.69 5.60
N PRO A 100 -9.67 19.82 5.67
CA PRO A 100 -11.02 19.84 6.26
C PRO A 100 -12.05 19.20 5.34
N HIS A 101 -12.51 18.00 5.70
CA HIS A 101 -13.56 17.29 4.95
C HIS A 101 -13.13 16.96 3.52
N ARG A 102 -11.82 16.88 3.27
CA ARG A 102 -11.32 16.44 1.97
C ARG A 102 -10.30 15.33 2.15
N ARG A 103 -9.55 15.02 1.09
CA ARG A 103 -8.51 14.02 1.13
C ARG A 103 -7.15 14.69 0.98
N GLY A 104 -6.14 14.11 1.63
CA GLY A 104 -4.79 14.63 1.53
C GLY A 104 -4.16 14.98 2.86
N SER A 105 -4.29 14.08 3.83
CA SER A 105 -3.67 14.27 5.14
C SER A 105 -2.19 13.95 5.07
N TYR A 106 -1.37 14.81 5.68
CA TYR A 106 0.07 14.61 5.73
C TYR A 106 0.59 14.97 7.10
N TRP A 107 1.35 14.07 7.71
CA TRP A 107 2.06 14.35 8.95
C TRP A 107 3.55 14.19 8.70
N GLY A 108 4.35 15.07 9.30
CA GLY A 108 5.79 14.90 9.28
C GLY A 108 6.22 13.71 10.11
N GLN A 109 7.50 13.34 9.96
CA GLN A 109 8.02 12.23 10.76
C GLN A 109 8.24 12.60 12.21
N GLY A 110 8.23 13.89 12.54
CA GLY A 110 8.39 14.33 13.91
C GLY A 110 9.82 14.74 14.24
N THR A 111 9.96 15.43 15.36
CA THR A 111 11.27 15.78 15.90
C THR A 111 11.17 15.64 17.42
N LEU A 112 12.19 15.02 18.02
CA LEU A 112 12.19 14.72 19.45
C LEU A 112 12.71 15.91 20.23
N VAL A 113 11.96 16.31 21.26
CA VAL A 113 12.34 17.38 22.18
C VAL A 113 12.43 16.79 23.58
N THR A 114 13.60 16.89 24.19
CA THR A 114 13.80 16.42 25.56
C THR A 114 14.15 17.60 26.44
N VAL A 115 13.41 17.77 27.54
CA VAL A 115 13.62 18.86 28.48
C VAL A 115 14.02 18.25 29.81
N SER A 116 15.29 18.39 30.17
CA SER A 116 15.79 17.82 31.41
C SER A 116 17.06 18.57 31.80
N SER A 117 17.32 18.60 33.11
CA SER A 117 18.54 19.22 33.59
C SER A 117 19.74 18.28 33.51
N ALA A 118 19.55 17.02 33.12
CA ALA A 118 20.64 16.08 33.02
C ALA A 118 21.50 16.38 31.78
N SER A 119 22.78 16.09 31.91
CA SER A 119 23.73 16.30 30.82
C SER A 119 23.79 15.08 29.92
N THR A 120 24.21 15.31 28.68
CA THR A 120 24.39 14.22 27.74
C THR A 120 25.56 13.34 28.18
N LYS A 121 25.33 12.03 28.23
CA LYS A 121 26.35 11.05 28.56
C LYS A 121 26.45 10.04 27.44
N GLY A 122 27.67 9.84 26.93
CA GLY A 122 27.93 8.81 25.97
C GLY A 122 27.80 7.44 26.60
N PRO A 123 27.44 6.44 25.81
CA PRO A 123 27.22 5.09 26.33
C PRO A 123 28.49 4.25 26.33
N SER A 124 28.39 3.11 27.00
CA SER A 124 29.46 2.11 27.03
C SER A 124 28.95 0.86 26.34
N VAL A 125 29.67 0.41 25.31
CA VAL A 125 29.27 -0.73 24.51
C VAL A 125 30.03 -1.94 25.00
N PHE A 126 29.30 -2.93 25.50
CA PHE A 126 29.93 -4.13 26.00
C PHE A 126 29.46 -5.34 25.20
N PRO A 127 30.28 -6.39 25.08
CA PRO A 127 29.87 -7.54 24.29
C PRO A 127 29.00 -8.52 25.06
N LEU A 128 28.16 -9.22 24.32
CA LEU A 128 27.45 -10.41 24.80
C LEU A 128 27.85 -11.53 23.85
N ALA A 129 28.91 -12.26 24.21
CA ALA A 129 29.57 -13.17 23.29
C ALA A 129 28.74 -14.42 23.05
N PRO A 130 28.94 -15.07 21.91
CA PRO A 130 28.23 -16.34 21.66
C PRO A 130 28.68 -17.40 22.64
N SER A 131 27.71 -18.17 23.14
CA SER A 131 28.01 -19.20 24.12
C SER A 131 28.94 -20.25 23.54
N SER A 132 29.93 -20.65 24.34
CA SER A 132 30.83 -21.74 23.97
C SER A 132 30.09 -23.06 23.83
N LYS A 133 28.91 -23.18 24.43
CA LYS A 133 28.09 -24.37 24.32
C LYS A 133 27.26 -24.40 23.03
N SER A 134 27.51 -23.50 22.10
CA SER A 134 26.77 -23.48 20.84
C SER A 134 27.24 -24.64 19.96
N THR A 135 26.31 -25.51 19.57
CA THR A 135 26.63 -26.71 18.80
C THR A 135 26.50 -26.43 17.30
N SER A 136 27.47 -26.92 16.53
CA SER A 136 27.51 -26.64 15.11
C SER A 136 26.26 -27.18 14.41
N GLY A 137 25.74 -26.40 13.47
CA GLY A 137 24.52 -26.71 12.76
C GLY A 137 23.31 -25.92 13.24
N GLY A 138 23.31 -25.51 14.51
CA GLY A 138 22.22 -24.76 15.07
C GLY A 138 22.46 -23.27 15.06
N THR A 139 21.54 -22.54 15.66
CA THR A 139 21.60 -21.09 15.74
C THR A 139 22.22 -20.67 17.07
N ALA A 140 23.09 -19.66 17.02
CA ALA A 140 23.72 -19.08 18.20
C ALA A 140 23.42 -17.60 18.26
N ALA A 141 23.26 -17.08 19.48
CA ALA A 141 22.88 -15.69 19.71
C ALA A 141 24.07 -14.89 20.23
N LEU A 142 24.21 -13.67 19.73
CA LEU A 142 25.20 -12.74 20.23
C LEU A 142 24.63 -11.34 20.13
N GLY A 143 25.22 -10.42 20.88
CA GLY A 143 24.76 -9.05 20.87
C GLY A 143 25.70 -8.13 21.63
N CYS A 144 25.35 -6.85 21.67
CA CYS A 144 26.10 -5.89 22.45
C CYS A 144 25.16 -5.07 23.31
N LEU A 145 25.61 -4.75 24.51
CA LEU A 145 24.84 -3.98 25.47
C LEU A 145 25.30 -2.53 25.42
N VAL A 146 24.38 -1.62 25.15
CA VAL A 146 24.65 -0.19 25.14
C VAL A 146 24.10 0.36 26.44
N LYS A 147 25.00 0.70 27.37
CA LYS A 147 24.61 0.99 28.75
C LYS A 147 25.01 2.41 29.16
N ASP A 148 24.13 3.03 29.96
CA ASP A 148 24.38 4.31 30.62
C ASP A 148 24.59 5.43 29.58
N TYR A 149 23.47 5.85 28.99
CA TYR A 149 23.47 6.94 28.02
C TYR A 149 22.24 7.81 28.23
N PHE A 150 22.40 9.10 27.95
CA PHE A 150 21.33 10.07 28.05
C PHE A 150 21.64 11.16 27.02
N PRO A 151 20.63 11.65 26.29
CA PRO A 151 19.23 11.22 26.29
C PRO A 151 19.02 10.23 25.16
N GLU A 152 17.76 9.95 24.82
CA GLU A 152 17.48 9.14 23.66
C GLU A 152 17.76 9.93 22.39
N PRO A 153 18.04 9.25 21.26
CA PRO A 153 18.12 7.80 21.06
C PRO A 153 19.51 7.31 20.72
N VAL A 154 19.65 6.00 20.54
CA VAL A 154 20.86 5.40 20.03
C VAL A 154 20.50 4.61 18.78
N THR A 155 21.45 4.52 17.86
CA THR A 155 21.27 3.80 16.60
C THR A 155 22.24 2.62 16.61
N VAL A 156 21.71 1.41 16.42
CA VAL A 156 22.54 0.21 16.38
C VAL A 156 22.32 -0.47 15.04
N SER A 157 23.42 -0.74 14.34
CA SER A 157 23.42 -1.53 13.12
C SER A 157 24.41 -2.69 13.26
N TRP A 158 24.36 -3.62 12.32
CA TRP A 158 25.21 -4.80 12.37
C TRP A 158 25.96 -4.93 11.05
N ASN A 159 27.29 -5.00 11.14
CA ASN A 159 28.16 -5.13 9.98
C ASN A 159 27.86 -4.05 8.95
N SER A 160 27.76 -2.80 9.42
CA SER A 160 27.51 -1.65 8.57
C SER A 160 26.28 -1.85 7.68
N GLY A 161 25.23 -2.41 8.27
CA GLY A 161 23.98 -2.62 7.56
C GLY A 161 23.89 -3.90 6.75
N ALA A 162 24.97 -4.69 6.70
CA ALA A 162 24.94 -5.91 5.88
C ALA A 162 24.12 -7.01 6.55
N LEU A 163 24.13 -7.06 7.88
CA LEU A 163 23.41 -8.08 8.63
C LEU A 163 22.14 -7.45 9.19
N THR A 164 20.99 -7.81 8.59
CA THR A 164 19.71 -7.33 9.06
C THR A 164 18.75 -8.44 9.48
N SER A 165 18.88 -9.64 8.91
CA SER A 165 17.99 -10.74 9.26
C SER A 165 18.38 -11.30 10.62
N GLY A 166 17.38 -11.52 11.47
CA GLY A 166 17.63 -12.06 12.79
C GLY A 166 18.15 -11.07 13.81
N VAL A 167 18.01 -9.77 13.54
CA VAL A 167 18.49 -8.73 14.43
C VAL A 167 17.31 -8.23 15.25
N HIS A 168 17.52 -8.08 16.55
CA HIS A 168 16.52 -7.53 17.46
C HIS A 168 17.20 -6.47 18.33
N THR A 169 16.87 -5.21 18.10
CA THR A 169 17.33 -4.12 18.96
C THR A 169 16.18 -3.77 19.90
N PHE A 170 16.40 -3.95 21.20
CA PHE A 170 15.33 -3.75 22.15
C PHE A 170 15.11 -2.27 22.42
N PRO A 171 13.89 -1.87 22.78
CA PRO A 171 13.66 -0.50 23.23
C PRO A 171 14.48 -0.19 24.47
N ALA A 172 14.80 1.08 24.63
CA ALA A 172 15.60 1.50 25.77
C ALA A 172 14.79 1.45 27.05
N VAL A 173 15.46 1.10 28.13
CA VAL A 173 14.86 1.05 29.47
C VAL A 173 15.52 2.12 30.33
N LEU A 174 14.70 2.90 31.02
CA LEU A 174 15.19 3.96 31.90
C LEU A 174 15.62 3.33 33.21
N GLN A 175 16.93 3.35 33.48
CA GLN A 175 17.47 2.74 34.68
C GLN A 175 17.17 3.62 35.90
N SER A 176 17.41 3.04 37.08
CA SER A 176 17.22 3.80 38.32
C SER A 176 18.18 4.97 38.43
N SER A 177 19.31 4.94 37.71
CA SER A 177 20.27 6.03 37.71
C SER A 177 19.88 7.16 36.79
N GLY A 178 18.73 7.07 36.10
CA GLY A 178 18.31 8.07 35.17
C GLY A 178 18.90 7.96 33.78
N LEU A 179 19.86 7.05 33.57
CA LEU A 179 20.45 6.83 32.27
C LEU A 179 19.77 5.67 31.57
N TYR A 180 19.68 5.76 30.26
CA TYR A 180 19.02 4.71 29.48
C TYR A 180 19.98 3.55 29.25
N SER A 181 19.40 2.38 28.99
CA SER A 181 20.17 1.20 28.65
C SER A 181 19.44 0.44 27.57
N LEU A 182 20.22 -0.30 26.77
CA LEU A 182 19.67 -0.92 25.58
C LEU A 182 20.57 -2.08 25.19
N SER A 183 19.98 -3.06 24.52
CA SER A 183 20.70 -4.24 24.07
C SER A 183 20.23 -4.56 22.66
N SER A 184 21.15 -5.04 21.83
CA SER A 184 20.84 -5.46 20.46
C SER A 184 21.42 -6.85 20.26
N VAL A 185 20.56 -7.80 19.92
CA VAL A 185 20.96 -9.20 19.75
C VAL A 185 20.73 -9.61 18.30
N VAL A 186 21.46 -10.65 17.89
CA VAL A 186 21.31 -11.21 16.56
C VAL A 186 21.60 -12.69 16.63
N THR A 187 20.81 -13.48 15.90
CA THR A 187 20.97 -14.93 15.85
C THR A 187 21.66 -15.30 14.53
N VAL A 188 22.79 -15.98 14.65
CA VAL A 188 23.57 -16.40 13.49
C VAL A 188 23.74 -17.92 13.56
N PRO A 189 24.18 -18.59 12.49
CA PRO A 189 24.48 -20.02 12.60
C PRO A 189 25.64 -20.27 13.54
N SER A 190 25.61 -21.41 14.22
CA SER A 190 26.74 -21.77 15.06
C SER A 190 27.99 -22.01 14.24
N SER A 191 27.84 -22.58 13.04
CA SER A 191 28.92 -22.52 12.07
C SER A 191 29.12 -21.08 11.60
N SER A 192 30.24 -20.85 10.91
CA SER A 192 30.69 -19.51 10.53
C SER A 192 30.95 -18.63 11.75
N LEU A 193 31.07 -19.21 12.94
CA LEU A 193 31.52 -18.47 14.11
C LEU A 193 33.04 -18.52 14.12
N GLY A 194 33.68 -17.36 13.98
CA GLY A 194 35.09 -17.32 13.71
C GLY A 194 35.45 -17.33 12.25
N THR A 195 34.50 -17.64 11.37
CA THR A 195 34.70 -17.56 9.93
C THR A 195 34.00 -16.35 9.32
N GLN A 196 33.07 -15.72 10.03
CA GLN A 196 32.39 -14.52 9.59
C GLN A 196 32.54 -13.45 10.67
N THR A 197 32.90 -12.24 10.27
CA THR A 197 33.10 -11.15 11.21
C THR A 197 31.75 -10.57 11.62
N TYR A 198 31.50 -10.53 12.93
CA TYR A 198 30.25 -10.00 13.48
C TYR A 198 30.58 -8.73 14.27
N ILE A 199 30.12 -7.58 13.78
CA ILE A 199 30.44 -6.28 14.37
C ILE A 199 29.17 -5.45 14.48
N CYS A 200 28.96 -4.84 15.64
CA CYS A 200 27.80 -3.98 15.89
C CYS A 200 28.23 -2.52 16.02
N ASN A 201 27.52 -1.63 15.31
CA ASN A 201 27.85 -0.22 15.25
C ASN A 201 26.83 0.61 16.01
N VAL A 202 27.29 1.36 17.01
CA VAL A 202 26.44 2.13 17.90
C VAL A 202 26.71 3.62 17.67
N ASN A 203 25.64 4.42 17.58
CA ASN A 203 25.75 5.87 17.45
C ASN A 203 24.86 6.54 18.50
N HIS A 204 25.16 7.80 18.81
CA HIS A 204 24.48 8.51 19.88
C HIS A 204 24.38 10.00 19.57
N LYS A 205 23.61 10.72 20.40
CA LYS A 205 23.51 12.17 20.27
C LYS A 205 24.83 12.86 20.58
N PRO A 206 25.52 12.59 21.70
CA PRO A 206 26.94 12.93 21.78
C PRO A 206 27.72 12.12 20.75
N SER A 207 28.84 12.69 20.33
CA SER A 207 29.50 12.15 19.16
C SER A 207 30.19 10.82 19.50
N ASN A 208 29.40 9.80 19.87
CA ASN A 208 29.92 8.47 20.16
C ASN A 208 29.59 7.52 19.01
N THR A 209 30.63 6.98 18.39
CA THR A 209 30.49 5.95 17.35
C THR A 209 31.38 4.79 17.77
N LYS A 210 30.77 3.69 18.20
CA LYS A 210 31.48 2.49 18.59
C LYS A 210 31.23 1.42 17.54
N VAL A 211 32.30 0.83 17.03
CA VAL A 211 32.23 -0.24 16.05
C VAL A 211 32.90 -1.45 16.71
N ASP A 212 32.11 -2.26 17.39
CA ASP A 212 32.61 -3.29 18.30
C ASP A 212 32.45 -4.68 17.69
N LYS A 213 33.53 -5.48 17.75
CA LYS A 213 33.55 -6.83 17.23
C LYS A 213 33.22 -7.83 18.33
N LYS A 214 32.44 -8.85 17.98
CA LYS A 214 32.02 -9.89 18.90
C LYS A 214 32.74 -11.19 18.56
N VAL A 215 33.43 -11.77 19.55
CA VAL A 215 34.25 -12.97 19.37
C VAL A 215 33.93 -13.93 20.52
N GLU A 216 34.17 -15.22 20.28
CA GLU A 216 34.14 -16.22 21.35
C GLU A 216 35.11 -15.82 22.48
N PRO A 217 34.93 -16.35 23.71
CA PRO A 217 35.69 -15.80 24.86
C PRO A 217 37.16 -16.20 24.90
N LYS A 218 37.49 -17.46 24.59
CA LYS A 218 38.88 -17.90 24.66
C LYS A 218 39.11 -19.10 23.74
N ASP B 1 -13.69 21.20 26.21
CA ASP B 1 -12.83 20.02 26.14
C ASP B 1 -13.63 18.73 26.05
N ILE B 2 -13.73 18.18 24.84
CA ILE B 2 -14.50 16.97 24.61
C ILE B 2 -13.64 15.75 24.95
N LEU B 3 -14.20 14.85 25.77
CA LEU B 3 -13.51 13.64 26.19
C LEU B 3 -13.80 12.51 25.21
N MET B 4 -12.75 11.86 24.74
CA MET B 4 -12.86 10.75 23.79
C MET B 4 -12.56 9.45 24.53
N THR B 5 -13.55 8.55 24.56
CA THR B 5 -13.41 7.26 25.25
C THR B 5 -13.29 6.17 24.20
N GLN B 6 -12.05 5.74 23.94
CA GLN B 6 -11.78 4.68 22.99
C GLN B 6 -11.79 3.33 23.70
N SER B 7 -12.36 2.33 23.04
CA SER B 7 -12.42 1.02 23.67
C SER B 7 -12.48 -0.05 22.59
N PRO B 8 -11.81 -1.18 22.79
CA PRO B 8 -10.95 -1.52 23.93
C PRO B 8 -9.56 -0.92 23.79
N SER B 9 -8.72 -0.98 24.80
CA SER B 9 -7.35 -0.50 24.65
C SER B 9 -6.45 -1.52 23.96
N SER B 10 -6.89 -2.78 23.87
CA SER B 10 -6.09 -3.83 23.28
C SER B 10 -7.02 -4.86 22.64
N LEU B 11 -6.53 -5.52 21.59
CA LEU B 11 -7.29 -6.61 20.99
C LEU B 11 -6.34 -7.53 20.24
N SER B 12 -6.74 -8.79 20.12
CA SER B 12 -5.98 -9.81 19.42
C SER B 12 -6.93 -10.57 18.49
N ALA B 13 -6.52 -10.75 17.24
CA ALA B 13 -7.34 -11.45 16.26
C ALA B 13 -6.44 -12.07 15.19
N SER B 14 -6.89 -13.20 14.65
CA SER B 14 -6.12 -13.89 13.63
C SER B 14 -6.28 -13.21 12.27
N VAL B 15 -5.45 -13.62 11.32
CA VAL B 15 -5.47 -13.02 9.99
C VAL B 15 -6.84 -13.25 9.37
N GLY B 16 -7.40 -12.20 8.77
CA GLY B 16 -8.70 -12.25 8.15
C GLY B 16 -9.86 -12.04 9.10
N ASP B 17 -9.63 -11.99 10.40
CA ASP B 17 -10.71 -11.80 11.35
C ASP B 17 -11.26 -10.38 11.27
N ARG B 18 -12.52 -10.22 11.69
CA ARG B 18 -13.12 -8.91 11.79
C ARG B 18 -12.75 -8.29 13.13
N VAL B 19 -12.41 -6.99 13.10
CA VAL B 19 -11.95 -6.28 14.28
C VAL B 19 -12.65 -4.93 14.32
N THR B 20 -13.25 -4.60 15.46
CA THR B 20 -14.00 -3.36 15.61
C THR B 20 -13.53 -2.60 16.84
N ILE B 21 -13.35 -1.30 16.68
CA ILE B 21 -12.93 -0.40 17.74
C ILE B 21 -14.03 0.64 17.93
N THR B 22 -14.44 0.85 19.18
CA THR B 22 -15.44 1.86 19.51
C THR B 22 -14.78 3.11 20.09
N CYS B 23 -15.49 4.24 19.95
CA CYS B 23 -15.01 5.52 20.43
C CYS B 23 -16.23 6.39 20.72
N GLN B 24 -16.50 6.68 21.99
CA GLN B 24 -17.67 7.46 22.38
C GLN B 24 -17.26 8.88 22.74
N ALA B 25 -17.94 9.85 22.15
CA ALA B 25 -17.70 11.26 22.43
C ALA B 25 -18.54 11.73 23.61
N SER B 26 -17.99 12.68 24.37
CA SER B 26 -18.72 13.29 25.48
C SER B 26 -19.73 14.33 25.02
N GLN B 27 -19.66 14.77 23.77
CA GLN B 27 -20.59 15.72 23.20
C GLN B 27 -20.95 15.28 21.79
N ASP B 28 -21.95 15.94 21.21
CA ASP B 28 -22.30 15.71 19.82
C ASP B 28 -21.27 16.38 18.93
N ILE B 29 -20.57 15.58 18.12
CA ILE B 29 -19.56 16.09 17.20
C ILE B 29 -19.94 15.80 15.75
N ASN B 30 -21.22 15.46 15.52
CA ASN B 30 -21.75 15.17 14.18
C ASN B 30 -20.95 14.01 13.60
N LYS B 31 -20.31 14.16 12.45
CA LYS B 31 -19.45 13.12 11.89
C LYS B 31 -17.98 13.52 11.92
N TYR B 32 -17.63 14.61 12.62
CA TYR B 32 -16.28 15.16 12.56
C TYR B 32 -15.36 14.40 13.53
N LEU B 33 -15.06 13.16 13.13
CA LEU B 33 -14.16 12.30 13.87
C LEU B 33 -13.23 11.59 12.89
N ASN B 34 -11.95 11.57 13.21
CA ASN B 34 -10.95 10.95 12.37
C ASN B 34 -10.38 9.72 13.07
N TRP B 35 -9.81 8.84 12.26
CA TRP B 35 -9.16 7.63 12.74
C TRP B 35 -7.74 7.61 12.22
N TYR B 36 -6.79 7.42 13.12
CA TYR B 36 -5.38 7.42 12.78
C TYR B 36 -4.81 6.04 13.06
N GLN B 37 -3.86 5.62 12.23
CA GLN B 37 -3.11 4.40 12.45
C GLN B 37 -1.65 4.79 12.67
N GLN B 38 -1.08 4.35 13.77
CA GLN B 38 0.33 4.61 14.07
C GLN B 38 1.05 3.28 14.25
N LYS B 39 1.86 2.92 13.25
CA LYS B 39 2.71 1.74 13.38
C LYS B 39 3.93 2.09 14.25
N PRO B 40 4.55 1.09 14.87
CA PRO B 40 5.61 1.40 15.85
C PRO B 40 6.80 2.09 15.19
N GLY B 41 7.28 3.15 15.85
CA GLY B 41 8.40 3.90 15.34
C GLY B 41 8.08 4.87 14.23
N LYS B 42 6.84 4.92 13.76
CA LYS B 42 6.43 5.80 12.68
C LYS B 42 5.45 6.85 13.22
N ALA B 43 5.17 7.84 12.37
CA ALA B 43 4.20 8.86 12.72
C ALA B 43 2.78 8.35 12.49
N PRO B 44 1.79 8.95 13.16
CA PRO B 44 0.40 8.60 12.86
C PRO B 44 0.03 8.88 11.42
N LYS B 45 -0.86 8.05 10.87
CA LYS B 45 -1.33 8.20 9.51
C LYS B 45 -2.85 8.21 9.53
N LEU B 46 -3.45 9.28 8.98
CA LEU B 46 -4.90 9.38 8.92
C LEU B 46 -5.45 8.37 7.92
N LEU B 47 -6.32 7.49 8.40
CA LEU B 47 -6.96 6.48 7.56
C LEU B 47 -8.40 6.85 7.21
N ILE B 48 -9.21 7.18 8.21
CA ILE B 48 -10.61 7.53 8.04
C ILE B 48 -10.80 8.97 8.49
N TYR B 49 -11.42 9.78 7.65
CA TYR B 49 -11.77 11.16 8.01
C TYR B 49 -13.27 11.36 7.88
N ASP B 50 -13.80 12.23 8.74
CA ASP B 50 -15.23 12.51 8.79
C ASP B 50 -16.03 11.22 9.02
N ALA B 51 -15.56 10.44 9.98
CA ALA B 51 -16.25 9.25 10.50
C ALA B 51 -16.24 8.09 9.53
N SER B 52 -16.47 8.33 8.24
CA SER B 52 -16.70 7.25 7.30
C SER B 52 -15.77 7.27 6.09
N ASN B 53 -15.33 8.46 5.69
CA ASN B 53 -14.60 8.59 4.43
C ASN B 53 -13.18 8.06 4.54
N LEU B 54 -12.76 7.34 3.50
CA LEU B 54 -11.43 6.73 3.45
C LEU B 54 -10.43 7.68 2.82
N GLU B 55 -9.27 7.78 3.46
CA GLU B 55 -8.15 8.53 2.89
C GLU B 55 -7.66 7.84 1.62
N THR B 56 -6.88 8.58 0.84
CA THR B 56 -6.36 8.05 -0.42
C THR B 56 -5.43 6.88 -0.16
N GLY B 57 -5.65 5.77 -0.87
CA GLY B 57 -4.78 4.62 -0.80
C GLY B 57 -5.12 3.61 0.26
N VAL B 58 -6.00 3.94 1.20
CA VAL B 58 -6.32 2.99 2.27
C VAL B 58 -7.05 1.78 1.70
N PRO B 59 -6.61 0.56 2.01
CA PRO B 59 -7.31 -0.63 1.51
C PRO B 59 -8.76 -0.70 2.01
N SER B 60 -9.57 -1.41 1.24
CA SER B 60 -11.01 -1.49 1.48
C SER B 60 -11.36 -2.16 2.81
N ARG B 61 -10.45 -2.95 3.38
CA ARG B 61 -10.77 -3.63 4.63
C ARG B 61 -11.01 -2.67 5.78
N PHE B 62 -10.56 -1.42 5.65
CA PHE B 62 -10.77 -0.40 6.66
C PHE B 62 -12.07 0.34 6.39
N SER B 63 -12.88 0.51 7.43
CA SER B 63 -14.20 1.14 7.31
C SER B 63 -14.51 1.88 8.59
N GLY B 64 -15.29 2.95 8.46
CA GLY B 64 -15.71 3.74 9.60
C GLY B 64 -17.16 4.13 9.48
N SER B 65 -17.80 4.24 10.65
CA SER B 65 -19.23 4.54 10.70
C SER B 65 -19.53 5.31 11.99
N GLY B 66 -20.67 5.99 12.00
CA GLY B 66 -21.14 6.64 13.21
C GLY B 66 -21.50 8.10 13.04
N SER B 67 -22.35 8.61 13.93
CA SER B 67 -22.69 10.03 13.95
C SER B 67 -23.24 10.41 15.32
N GLY B 68 -22.93 11.63 15.74
CA GLY B 68 -23.37 12.10 17.03
C GLY B 68 -22.36 11.89 18.13
N THR B 69 -22.49 10.80 18.88
CA THR B 69 -21.60 10.49 19.99
C THR B 69 -20.90 9.15 19.87
N ASP B 70 -21.48 8.20 19.14
CA ASP B 70 -20.92 6.86 19.03
C ASP B 70 -20.40 6.64 17.62
N PHE B 71 -19.17 6.15 17.52
CA PHE B 71 -18.51 5.88 16.25
C PHE B 71 -17.80 4.53 16.32
N SER B 72 -17.58 3.92 15.16
CA SER B 72 -16.96 2.60 15.08
C SER B 72 -15.93 2.57 13.96
N PHE B 73 -14.84 1.85 14.20
CA PHE B 73 -13.77 1.64 13.23
C PHE B 73 -13.56 0.14 13.07
N THR B 74 -13.66 -0.35 11.83
CA THR B 74 -13.68 -1.79 11.60
C THR B 74 -12.71 -2.20 10.51
N ILE B 75 -11.86 -3.18 10.81
CA ILE B 75 -11.01 -3.83 9.83
C ILE B 75 -11.64 -5.18 9.48
N SER B 76 -12.04 -5.33 8.21
CA SER B 76 -12.78 -6.52 7.77
C SER B 76 -11.92 -7.78 7.86
N SER B 77 -10.90 -7.88 7.01
CA SER B 77 -9.97 -9.00 7.01
C SER B 77 -8.63 -8.50 7.54
N LEU B 78 -8.36 -8.77 8.82
CA LEU B 78 -7.14 -8.28 9.46
C LEU B 78 -5.91 -8.85 8.79
N GLN B 79 -4.95 -7.97 8.47
CA GLN B 79 -3.68 -8.37 7.87
C GLN B 79 -2.54 -8.15 8.86
N PRO B 80 -1.45 -8.92 8.75
CA PRO B 80 -0.33 -8.73 9.68
C PRO B 80 0.28 -7.34 9.64
N GLU B 81 0.32 -6.70 8.47
CA GLU B 81 0.83 -5.34 8.41
C GLU B 81 -0.09 -4.32 9.06
N ASP B 82 -1.26 -4.74 9.56
CA ASP B 82 -2.17 -3.86 10.27
C ASP B 82 -1.87 -3.80 11.76
N VAL B 83 -0.79 -4.42 12.21
CA VAL B 83 -0.39 -4.34 13.62
C VAL B 83 0.07 -2.90 13.87
N ALA B 84 -0.66 -2.19 14.73
CA ALA B 84 -0.40 -0.78 14.99
C ALA B 84 -1.25 -0.36 16.19
N THR B 85 -1.12 0.90 16.58
CA THR B 85 -1.99 1.51 17.57
C THR B 85 -2.90 2.52 16.89
N TYR B 86 -4.21 2.37 17.08
CA TYR B 86 -5.22 3.16 16.41
C TYR B 86 -5.83 4.17 17.36
N TYR B 87 -6.00 5.41 16.88
CA TYR B 87 -6.52 6.51 17.67
C TYR B 87 -7.72 7.15 16.98
N CYS B 88 -8.76 7.42 17.75
CA CYS B 88 -9.87 8.24 17.29
C CYS B 88 -9.66 9.68 17.74
N GLN B 89 -10.12 10.62 16.93
CA GLN B 89 -9.90 12.03 17.23
C GLN B 89 -11.03 12.87 16.63
N GLN B 90 -11.60 13.75 17.44
CA GLN B 90 -12.57 14.73 16.97
C GLN B 90 -11.83 15.97 16.47
N SER B 91 -12.36 16.56 15.41
CA SER B 91 -11.64 17.63 14.73
C SER B 91 -12.31 19.00 14.77
N ASP B 92 -13.64 19.06 14.91
CA ASP B 92 -14.33 20.33 14.73
C ASP B 92 -14.29 21.21 15.98
N ASN B 93 -14.35 20.59 17.15
CA ASN B 93 -14.48 21.31 18.41
C ASN B 93 -13.10 21.60 18.98
N LEU B 94 -12.78 22.88 19.17
CA LEU B 94 -11.46 23.24 19.67
C LEU B 94 -11.42 23.12 21.18
N PRO B 95 -10.40 22.49 21.76
CA PRO B 95 -9.26 21.83 21.10
C PRO B 95 -9.59 20.42 20.60
N PRO B 96 -8.97 19.99 19.50
CA PRO B 96 -9.12 18.59 19.07
C PRO B 96 -8.58 17.65 20.13
N THR B 97 -9.31 16.57 20.36
CA THR B 97 -8.96 15.62 21.41
C THR B 97 -8.92 14.21 20.84
N PHE B 98 -7.96 13.42 21.31
CA PHE B 98 -7.74 12.06 20.87
C PHE B 98 -8.30 11.06 21.88
N GLY B 99 -8.46 9.82 21.42
CA GLY B 99 -8.77 8.71 22.30
C GLY B 99 -7.52 8.12 22.94
N GLN B 100 -7.75 7.22 23.90
CA GLN B 100 -6.64 6.62 24.63
C GLN B 100 -5.74 5.78 23.72
N GLY B 101 -6.28 5.29 22.62
CA GLY B 101 -5.58 4.42 21.68
C GLY B 101 -5.91 2.96 21.89
N THR B 102 -5.85 2.19 20.81
CA THR B 102 -6.10 0.75 20.85
C THR B 102 -4.94 0.02 20.19
N ASN B 103 -4.34 -0.92 20.93
CA ASN B 103 -3.26 -1.75 20.40
C ASN B 103 -3.85 -2.96 19.70
N VAL B 104 -3.44 -3.18 18.46
CA VAL B 104 -3.96 -4.28 17.64
C VAL B 104 -2.84 -5.29 17.42
N GLU B 105 -3.03 -6.50 17.94
CA GLU B 105 -2.07 -7.58 17.81
C GLU B 105 -2.67 -8.66 16.89
N ILE B 106 -1.87 -9.11 15.92
CA ILE B 106 -2.24 -10.26 15.10
C ILE B 106 -2.04 -11.53 15.92
N LYS B 107 -2.94 -12.49 15.76
CA LYS B 107 -2.88 -13.75 16.50
C LYS B 107 -2.31 -14.84 15.61
N ARG B 108 -1.44 -15.67 16.18
CA ARG B 108 -0.77 -16.73 15.45
C ARG B 108 -0.65 -17.95 16.35
N THR B 109 0.06 -18.96 15.87
CA THR B 109 0.24 -20.16 16.68
C THR B 109 1.29 -19.91 17.75
N VAL B 110 1.20 -20.68 18.84
CA VAL B 110 2.15 -20.55 19.94
C VAL B 110 3.55 -20.90 19.45
N ALA B 111 4.53 -20.09 19.83
CA ALA B 111 5.93 -20.35 19.53
C ALA B 111 6.74 -20.17 20.80
N ALA B 112 7.40 -21.24 21.23
CA ALA B 112 8.21 -21.17 22.42
C ALA B 112 9.46 -20.32 22.18
N PRO B 113 9.97 -19.64 23.19
CA PRO B 113 11.14 -18.79 22.99
C PRO B 113 12.43 -19.60 22.99
N SER B 114 13.36 -19.19 22.12
CA SER B 114 14.73 -19.68 22.21
C SER B 114 15.44 -18.83 23.26
N VAL B 115 15.93 -19.48 24.31
CA VAL B 115 16.47 -18.78 25.47
C VAL B 115 17.99 -18.81 25.45
N PHE B 116 18.59 -17.67 25.79
CA PHE B 116 20.03 -17.51 25.84
C PHE B 116 20.39 -16.69 27.07
N ILE B 117 21.49 -17.05 27.73
CA ILE B 117 21.99 -16.31 28.88
C ILE B 117 23.37 -15.77 28.52
N PHE B 118 23.67 -14.56 29.00
CA PHE B 118 24.88 -13.85 28.63
C PHE B 118 25.61 -13.34 29.86
N PRO B 119 26.79 -13.88 30.17
CA PRO B 119 27.52 -13.42 31.35
C PRO B 119 28.06 -12.02 31.14
N PRO B 120 28.39 -11.31 32.22
CA PRO B 120 29.00 -9.99 32.07
C PRO B 120 30.37 -10.11 31.44
N SER B 121 30.65 -9.19 30.51
CA SER B 121 31.94 -9.18 29.84
C SER B 121 33.04 -8.74 30.82
N ASP B 122 34.28 -9.09 30.45
CA ASP B 122 35.42 -8.70 31.28
C ASP B 122 35.64 -7.20 31.25
N GLU B 123 35.36 -6.54 30.12
CA GLU B 123 35.53 -5.10 30.05
C GLU B 123 34.59 -4.36 30.99
N GLN B 124 33.40 -4.92 31.22
CA GLN B 124 32.45 -4.25 32.11
C GLN B 124 32.75 -4.50 33.58
N LEU B 125 33.45 -5.59 33.91
CA LEU B 125 33.78 -5.85 35.31
C LEU B 125 34.72 -4.79 35.86
N LYS B 126 35.56 -4.19 35.02
CA LYS B 126 36.42 -3.11 35.46
C LYS B 126 35.62 -1.84 35.75
N SER B 127 34.49 -1.65 35.07
CA SER B 127 33.58 -0.58 35.40
C SER B 127 32.85 -0.80 36.73
N GLY B 128 33.24 -1.84 37.46
CA GLY B 128 32.67 -2.14 38.77
C GLY B 128 31.24 -2.61 38.76
N THR B 129 30.67 -2.93 37.61
CA THR B 129 29.28 -3.36 37.52
C THR B 129 29.18 -4.55 36.59
N ALA B 130 28.41 -5.55 36.99
CA ALA B 130 28.18 -6.74 36.18
C ALA B 130 26.75 -6.72 35.65
N SER B 131 26.61 -7.04 34.36
CA SER B 131 25.31 -7.06 33.70
C SER B 131 25.10 -8.44 33.08
N VAL B 132 24.14 -9.19 33.59
CA VAL B 132 23.75 -10.49 33.06
C VAL B 132 22.48 -10.30 32.24
N VAL B 133 22.44 -10.89 31.05
CA VAL B 133 21.34 -10.69 30.11
C VAL B 133 20.73 -12.03 29.74
N CYS B 134 19.41 -12.13 29.91
CA CYS B 134 18.61 -13.28 29.50
C CYS B 134 17.77 -12.87 28.30
N LEU B 135 17.96 -13.52 27.17
CA LEU B 135 17.28 -13.18 25.93
C LEU B 135 16.24 -14.25 25.59
N LEU B 136 15.01 -13.81 25.34
CA LEU B 136 13.91 -14.66 24.90
C LEU B 136 13.66 -14.37 23.43
N ASN B 137 14.17 -15.22 22.55
CA ASN B 137 14.03 -15.00 21.12
C ASN B 137 12.60 -15.29 20.66
N ASN B 138 12.34 -14.98 19.39
CA ASN B 138 11.02 -14.91 18.77
C ASN B 138 10.00 -15.89 19.35
N PHE B 139 9.04 -15.37 20.11
CA PHE B 139 8.03 -16.19 20.74
C PHE B 139 6.67 -15.52 20.61
N TYR B 140 5.61 -16.34 20.76
CA TYR B 140 4.23 -15.88 20.83
C TYR B 140 3.47 -16.82 21.76
N PRO B 141 2.63 -16.28 22.66
CA PRO B 141 2.28 -14.87 22.87
C PRO B 141 3.30 -14.12 23.72
N ARG B 142 3.11 -12.80 23.88
CA ARG B 142 4.10 -11.99 24.58
C ARG B 142 4.19 -12.36 26.06
N GLU B 143 3.11 -12.88 26.62
CA GLU B 143 3.00 -13.16 28.05
C GLU B 143 4.00 -14.25 28.42
N ALA B 144 5.08 -13.84 29.11
CA ALA B 144 6.13 -14.74 29.56
C ALA B 144 6.54 -14.35 30.97
N LYS B 145 7.33 -15.22 31.59
CA LYS B 145 7.77 -15.04 32.98
C LYS B 145 9.24 -15.41 33.08
N VAL B 146 10.08 -14.44 33.43
CA VAL B 146 11.53 -14.62 33.50
C VAL B 146 11.97 -14.32 34.93
N GLN B 147 12.50 -15.32 35.61
CA GLN B 147 12.96 -15.18 36.99
C GLN B 147 14.46 -15.41 37.06
N TRP B 148 15.14 -14.60 37.88
CA TRP B 148 16.58 -14.68 38.04
C TRP B 148 16.88 -15.41 39.34
N LYS B 149 17.69 -16.46 39.25
CA LYS B 149 18.14 -17.23 40.41
C LYS B 149 19.64 -17.43 40.28
N VAL B 150 20.40 -16.83 41.20
CA VAL B 150 21.84 -17.01 41.22
C VAL B 150 22.19 -17.64 42.56
N ASP B 151 23.10 -18.62 42.54
CA ASP B 151 23.34 -19.49 43.68
C ASP B 151 22.03 -20.07 44.20
N ASN B 152 21.12 -20.37 43.26
CA ASN B 152 19.80 -20.90 43.54
C ASN B 152 18.95 -19.98 44.41
N ALA B 153 19.32 -18.70 44.51
CA ALA B 153 18.59 -17.72 45.28
C ALA B 153 17.84 -16.78 44.34
N LEU B 154 16.51 -16.76 44.45
CA LEU B 154 15.71 -15.91 43.59
C LEU B 154 15.97 -14.43 43.88
N GLN B 155 15.94 -13.61 42.83
CA GLN B 155 16.21 -12.19 42.93
C GLN B 155 14.98 -11.38 42.56
N SER B 156 14.97 -10.12 43.01
CA SER B 156 13.89 -9.19 42.69
C SER B 156 14.38 -7.78 42.92
N GLY B 157 13.87 -6.85 42.10
CA GLY B 157 14.19 -5.44 42.23
C GLY B 157 15.50 -5.01 41.61
N ASN B 158 16.30 -5.94 41.09
CA ASN B 158 17.59 -5.63 40.47
C ASN B 158 17.63 -6.08 39.01
N SER B 159 16.47 -6.14 38.36
CA SER B 159 16.40 -6.57 36.97
C SER B 159 15.36 -5.75 36.23
N GLN B 160 15.64 -5.51 34.95
CA GLN B 160 14.74 -4.77 34.08
C GLN B 160 14.45 -5.61 32.84
N GLU B 161 13.31 -5.33 32.21
CA GLU B 161 12.85 -6.11 31.07
C GLU B 161 12.51 -5.19 29.90
N SER B 162 12.75 -5.70 28.69
CA SER B 162 12.41 -5.01 27.46
C SER B 162 11.81 -5.99 26.46
N VAL B 163 10.76 -5.54 25.78
CA VAL B 163 10.01 -6.38 24.85
C VAL B 163 9.93 -5.65 23.51
N THR B 164 10.24 -6.35 22.43
CA THR B 164 10.16 -5.74 21.11
C THR B 164 8.71 -5.68 20.65
N GLU B 165 8.50 -5.03 19.51
CA GLU B 165 7.18 -5.01 18.91
C GLU B 165 6.94 -6.31 18.15
N GLN B 166 5.67 -6.55 17.83
CA GLN B 166 5.32 -7.72 17.03
C GLN B 166 6.00 -7.64 15.66
N ASP B 167 6.74 -8.69 15.32
CA ASP B 167 7.48 -8.72 14.06
C ASP B 167 6.52 -8.67 12.87
N SER B 168 7.06 -8.22 11.74
CA SER B 168 6.26 -8.12 10.52
C SER B 168 6.22 -9.44 9.75
N LYS B 169 7.33 -10.18 9.75
CA LYS B 169 7.41 -11.45 9.05
C LYS B 169 7.32 -12.66 9.99
N ASP B 170 7.08 -12.44 11.28
CA ASP B 170 7.02 -13.52 12.25
C ASP B 170 5.79 -13.37 13.14
N SER B 171 5.38 -12.13 13.37
CA SER B 171 4.31 -11.81 14.31
C SER B 171 4.64 -12.26 15.74
N THR B 172 5.93 -12.35 16.05
CA THR B 172 6.39 -12.81 17.35
C THR B 172 7.02 -11.66 18.14
N TYR B 173 7.27 -11.92 19.41
CA TYR B 173 7.91 -10.96 20.29
C TYR B 173 9.28 -11.47 20.73
N SER B 174 10.09 -10.54 21.24
CA SER B 174 11.40 -10.88 21.79
C SER B 174 11.57 -10.11 23.09
N LEU B 175 11.92 -10.82 24.15
CA LEU B 175 12.09 -10.24 25.47
C LEU B 175 13.55 -10.30 25.89
N SER B 176 13.98 -9.29 26.64
CA SER B 176 15.29 -9.29 27.27
C SER B 176 15.11 -9.00 28.75
N SER B 177 15.82 -9.75 29.59
CA SER B 177 15.87 -9.48 31.02
C SER B 177 17.33 -9.22 31.39
N THR B 178 17.58 -8.07 32.00
CA THR B 178 18.93 -7.65 32.36
C THR B 178 19.04 -7.55 33.87
N LEU B 179 19.91 -8.37 34.45
CA LEU B 179 20.18 -8.35 35.88
C LEU B 179 21.46 -7.56 36.11
N THR B 180 21.34 -6.45 36.84
CA THR B 180 22.47 -5.55 37.09
C THR B 180 22.83 -5.59 38.57
N LEU B 181 24.09 -5.88 38.86
CA LEU B 181 24.59 -5.86 40.23
C LEU B 181 26.05 -5.43 40.22
N SER B 182 26.55 -5.13 41.42
CA SER B 182 27.93 -4.66 41.57
C SER B 182 28.91 -5.80 41.32
N LYS B 183 30.19 -5.43 41.19
CA LYS B 183 31.23 -6.43 40.96
C LYS B 183 31.44 -7.30 42.19
N ALA B 184 31.31 -6.72 43.38
CA ALA B 184 31.46 -7.48 44.61
C ALA B 184 30.41 -8.59 44.70
N ASP B 185 29.14 -8.24 44.45
CA ASP B 185 28.09 -9.25 44.47
C ASP B 185 28.29 -10.28 43.37
N TYR B 186 28.87 -9.89 42.24
CA TYR B 186 29.05 -10.81 41.13
C TYR B 186 30.07 -11.89 41.48
N GLU B 187 31.23 -11.49 42.01
CA GLU B 187 32.27 -12.43 42.35
C GLU B 187 32.02 -13.16 43.67
N LYS B 188 30.98 -12.79 44.41
CA LYS B 188 30.59 -13.49 45.61
C LYS B 188 29.66 -14.68 45.34
N HIS B 189 29.33 -14.95 44.08
CA HIS B 189 28.48 -16.08 43.72
C HIS B 189 29.07 -16.78 42.51
N LYS B 190 28.49 -17.94 42.16
CA LYS B 190 29.07 -18.80 41.13
C LYS B 190 28.07 -19.13 40.03
N VAL B 191 26.90 -19.67 40.36
CA VAL B 191 25.94 -20.11 39.37
C VAL B 191 24.99 -18.96 39.04
N TYR B 192 24.80 -18.72 37.74
CA TYR B 192 23.94 -17.65 37.25
C TYR B 192 22.97 -18.25 36.26
N ALA B 193 21.67 -18.12 36.53
CA ALA B 193 20.67 -18.75 35.67
C ALA B 193 19.39 -17.93 35.66
N CYS B 194 18.75 -17.88 34.49
CA CYS B 194 17.41 -17.32 34.37
C CYS B 194 16.45 -18.45 34.02
N GLU B 195 15.28 -18.42 34.65
CA GLU B 195 14.24 -19.41 34.45
C GLU B 195 13.06 -18.76 33.75
N VAL B 196 12.65 -19.33 32.63
CA VAL B 196 11.62 -18.75 31.78
C VAL B 196 10.42 -19.68 31.76
N THR B 197 9.25 -19.11 32.01
CA THR B 197 7.98 -19.82 31.96
C THR B 197 7.15 -19.23 30.84
N HIS B 198 6.66 -20.09 29.96
CA HIS B 198 5.91 -19.60 28.81
C HIS B 198 5.02 -20.72 28.29
N GLN B 199 3.82 -20.35 27.88
CA GLN B 199 2.97 -21.28 27.14
C GLN B 199 3.73 -21.76 25.91
N GLY B 200 3.64 -23.05 25.62
CA GLY B 200 4.46 -23.64 24.60
C GLY B 200 5.77 -24.19 25.10
N LEU B 201 6.05 -24.04 26.39
CA LEU B 201 7.09 -24.78 27.08
C LEU B 201 6.39 -25.72 28.06
N SER B 202 6.69 -27.01 27.97
CA SER B 202 6.05 -27.99 28.85
C SER B 202 6.35 -27.72 30.31
N LEU B 203 7.58 -27.32 30.62
CA LEU B 203 8.00 -26.98 31.97
C LEU B 203 8.93 -25.77 31.87
N PRO B 204 9.12 -25.05 32.98
CA PRO B 204 10.01 -23.88 32.92
C PRO B 204 11.42 -24.27 32.53
N VAL B 205 11.89 -23.68 31.44
CA VAL B 205 13.24 -23.92 30.93
C VAL B 205 14.22 -23.03 31.69
N THR B 206 15.39 -23.58 32.02
CA THR B 206 16.41 -22.84 32.75
C THR B 206 17.71 -22.86 31.95
N LYS B 207 18.28 -21.68 31.73
CA LYS B 207 19.59 -21.54 31.12
C LYS B 207 20.53 -20.97 32.17
N SER B 208 21.72 -21.55 32.27
CA SER B 208 22.63 -21.23 33.37
C SER B 208 24.05 -21.07 32.85
N PHE B 209 24.88 -20.46 33.68
CA PHE B 209 26.29 -20.24 33.37
C PHE B 209 27.05 -20.13 34.68
N ASN B 210 28.29 -20.61 34.68
CA ASN B 210 29.17 -20.54 35.84
C ASN B 210 30.40 -19.72 35.49
N ARG B 211 30.86 -18.91 36.45
CA ARG B 211 32.02 -18.06 36.23
C ARG B 211 33.27 -18.88 35.92
N GLY B 212 33.75 -18.82 34.68
CA GLY B 212 34.90 -19.59 34.26
C GLY B 212 34.86 -20.03 32.81
N VAL C 2 10.13 9.41 -9.75
CA VAL C 2 10.49 8.54 -10.86
C VAL C 2 9.23 8.03 -11.55
N GLN C 3 9.13 8.27 -12.86
CA GLN C 3 7.95 7.86 -13.62
C GLN C 3 8.30 7.91 -15.10
N LEU C 4 8.30 6.75 -15.76
CA LEU C 4 8.60 6.67 -17.19
C LEU C 4 7.34 7.01 -17.98
N VAL C 5 7.42 8.07 -18.79
CA VAL C 5 6.30 8.55 -19.59
C VAL C 5 6.54 8.17 -21.03
N GLU C 6 5.60 7.42 -21.61
CA GLU C 6 5.68 6.99 -23.00
C GLU C 6 4.86 7.93 -23.88
N SER C 7 5.44 8.36 -24.99
CA SER C 7 4.78 9.26 -25.92
C SER C 7 5.12 8.84 -27.34
N GLY C 8 4.36 9.36 -28.30
CA GLY C 8 4.61 9.13 -29.70
C GLY C 8 3.72 8.09 -30.35
N GLY C 9 2.91 7.37 -29.57
CA GLY C 9 2.02 6.39 -30.15
C GLY C 9 0.80 7.01 -30.80
N GLY C 10 0.34 6.39 -31.87
CA GLY C 10 -0.83 6.88 -32.57
C GLY C 10 -1.22 5.94 -33.69
N LEU C 11 -2.10 6.43 -34.56
CA LEU C 11 -2.55 5.67 -35.72
C LEU C 11 -1.65 5.94 -36.91
N VAL C 12 -1.38 4.89 -37.68
CA VAL C 12 -0.52 4.98 -38.85
C VAL C 12 -0.91 3.86 -39.82
N GLN C 13 -0.40 3.96 -41.04
CA GLN C 13 -0.65 2.97 -42.08
C GLN C 13 0.47 1.94 -42.09
N PRO C 14 0.23 0.77 -42.68
CA PRO C 14 1.30 -0.24 -42.80
C PRO C 14 2.51 0.32 -43.54
N GLY C 15 3.68 0.25 -42.89
CA GLY C 15 4.91 0.75 -43.44
C GLY C 15 5.41 2.04 -42.79
N GLY C 16 4.62 2.65 -41.91
CA GLY C 16 5.03 3.88 -41.28
C GLY C 16 6.20 3.70 -40.33
N SER C 17 6.79 4.83 -39.95
CA SER C 17 7.93 4.86 -39.03
C SER C 17 7.58 5.80 -37.88
N LEU C 18 7.40 5.24 -36.69
CA LEU C 18 7.07 6.02 -35.50
C LEU C 18 8.16 5.82 -34.44
N ARG C 19 8.52 6.90 -33.77
CA ARG C 19 9.53 6.88 -32.72
C ARG C 19 8.84 7.15 -31.39
N LEU C 20 8.60 6.08 -30.62
CA LEU C 20 7.93 6.19 -29.33
C LEU C 20 8.97 6.56 -28.27
N SER C 21 8.96 7.81 -27.85
CA SER C 21 9.90 8.30 -26.85
C SER C 21 9.48 7.84 -25.46
N CYS C 22 10.49 7.57 -24.61
CA CYS C 22 10.28 7.12 -23.23
C CYS C 22 11.02 8.08 -22.30
N ALA C 23 10.35 9.14 -21.88
CA ALA C 23 10.96 10.10 -20.97
C ALA C 23 11.15 9.47 -19.59
N ALA C 24 12.40 9.54 -19.08
CA ALA C 24 12.73 8.90 -17.82
C ALA C 24 12.19 9.69 -16.63
N SER C 25 12.63 10.95 -16.49
CA SER C 25 12.22 11.82 -15.40
C SER C 25 12.49 11.17 -14.04
N GLY C 26 13.71 10.66 -13.88
CA GLY C 26 14.10 10.03 -12.64
C GLY C 26 14.96 8.80 -12.83
N ILE C 27 14.91 8.23 -14.03
CA ILE C 27 15.71 7.06 -14.36
C ILE C 27 16.92 7.50 -15.16
N ILE C 28 17.94 6.64 -15.22
CA ILE C 28 19.19 6.94 -15.90
C ILE C 28 19.52 5.79 -16.83
N VAL C 29 19.78 6.10 -18.11
CA VAL C 29 20.22 5.12 -19.08
C VAL C 29 21.67 4.76 -18.77
N SER C 30 22.16 3.68 -19.39
CA SER C 30 23.50 3.14 -19.18
C SER C 30 23.68 2.60 -17.76
N ARG C 31 22.74 2.93 -16.86
CA ARG C 31 22.70 2.38 -15.52
C ARG C 31 21.46 1.53 -15.28
N ASN C 32 20.85 1.03 -16.36
CA ASN C 32 19.65 0.23 -16.27
C ASN C 32 19.51 -0.59 -17.54
N TYR C 33 18.96 -1.79 -17.40
CA TYR C 33 18.73 -2.70 -18.53
C TYR C 33 17.28 -2.54 -18.97
N MET C 34 17.03 -1.49 -19.75
CA MET C 34 15.67 -1.17 -20.18
C MET C 34 15.17 -2.19 -21.19
N THR C 35 13.84 -2.36 -21.24
CA THR C 35 13.21 -3.27 -22.16
C THR C 35 11.82 -2.77 -22.49
N TRP C 36 11.39 -3.03 -23.73
CA TRP C 36 10.09 -2.62 -24.23
C TRP C 36 9.21 -3.84 -24.45
N VAL C 37 7.94 -3.73 -24.06
CA VAL C 37 6.97 -4.81 -24.17
C VAL C 37 5.70 -4.27 -24.77
N ARG C 38 5.09 -5.04 -25.67
CA ARG C 38 3.85 -4.68 -26.33
C ARG C 38 2.76 -5.68 -25.96
N GLN C 39 1.51 -5.31 -26.19
CA GLN C 39 0.39 -6.16 -25.83
C GLN C 39 -0.88 -5.70 -26.53
N ALA C 40 -1.52 -6.62 -27.26
CA ALA C 40 -2.83 -6.34 -27.80
C ALA C 40 -3.84 -6.20 -26.66
N PRO C 41 -4.93 -5.46 -26.87
CA PRO C 41 -5.91 -5.30 -25.78
C PRO C 41 -6.54 -6.61 -25.33
N GLY C 42 -7.05 -7.42 -26.28
CA GLY C 42 -7.63 -8.69 -25.91
C GLY C 42 -6.62 -9.76 -25.58
N LYS C 43 -5.42 -9.68 -26.15
CA LYS C 43 -4.38 -10.66 -25.91
C LYS C 43 -3.56 -10.27 -24.69
N GLY C 44 -2.55 -11.09 -24.37
CA GLY C 44 -1.70 -10.85 -23.23
C GLY C 44 -0.48 -10.01 -23.57
N LEU C 45 0.47 -9.99 -22.63
CA LEU C 45 1.69 -9.23 -22.82
C LEU C 45 2.67 -9.98 -23.71
N GLU C 46 3.38 -9.24 -24.56
CA GLU C 46 4.34 -9.81 -25.47
C GLU C 46 5.67 -9.08 -25.33
N TRP C 47 6.75 -9.77 -25.68
CA TRP C 47 8.10 -9.23 -25.60
C TRP C 47 8.50 -8.62 -26.93
N VAL C 48 9.22 -7.49 -26.86
CA VAL C 48 9.69 -6.80 -28.06
C VAL C 48 11.22 -6.78 -28.11
N SER C 49 11.83 -5.85 -27.38
CA SER C 49 13.27 -5.66 -27.47
C SER C 49 13.80 -5.18 -26.13
N VAL C 50 15.14 -5.20 -26.03
CA VAL C 50 15.84 -4.81 -24.82
C VAL C 50 17.02 -3.91 -25.21
N ILE C 51 17.41 -3.06 -24.26
CA ILE C 51 18.57 -2.18 -24.45
C ILE C 51 19.38 -2.19 -23.16
N TYR C 52 20.43 -3.01 -23.12
CA TYR C 52 21.21 -3.17 -21.91
C TYR C 52 22.24 -2.06 -21.77
N SER C 53 22.95 -2.05 -20.65
CA SER C 53 23.99 -1.06 -20.41
C SER C 53 25.13 -1.26 -21.39
N GLY C 54 25.38 -0.25 -22.24
CA GLY C 54 26.39 -0.31 -23.26
C GLY C 54 25.78 -0.19 -24.64
N GLY C 55 26.32 -0.94 -25.60
CA GLY C 55 25.84 -0.90 -26.96
C GLY C 55 25.12 -2.15 -27.38
N THR C 56 25.08 -3.15 -26.50
CA THR C 56 24.42 -4.41 -26.83
C THR C 56 22.91 -4.24 -26.78
N THR C 57 22.23 -4.82 -27.78
CA THR C 57 20.79 -4.75 -27.88
C THR C 57 20.27 -6.01 -28.53
N TYR C 58 19.12 -6.49 -28.06
CA TYR C 58 18.52 -7.72 -28.55
C TYR C 58 17.08 -7.45 -28.95
N TYR C 59 16.60 -8.24 -29.92
CA TYR C 59 15.28 -8.06 -30.49
C TYR C 59 14.56 -9.40 -30.57
N ALA C 60 13.24 -9.33 -30.72
CA ALA C 60 12.43 -10.54 -30.86
C ALA C 60 12.51 -11.04 -32.30
N ASP C 61 11.71 -12.05 -32.63
CA ASP C 61 11.72 -12.62 -33.97
C ASP C 61 10.65 -12.03 -34.87
N SER C 62 9.49 -11.65 -34.31
CA SER C 62 8.44 -11.08 -35.13
C SER C 62 8.75 -9.64 -35.53
N VAL C 63 9.45 -8.90 -34.67
CA VAL C 63 9.86 -7.54 -34.99
C VAL C 63 11.37 -7.54 -35.26
N LYS C 64 11.87 -8.64 -35.81
CA LYS C 64 13.29 -8.77 -36.10
C LYS C 64 13.66 -7.88 -37.27
N GLY C 65 14.45 -6.84 -37.01
CA GLY C 65 14.89 -5.93 -38.05
C GLY C 65 13.88 -4.84 -38.37
N ARG C 66 12.59 -5.14 -38.15
CA ARG C 66 11.55 -4.15 -38.43
C ARG C 66 11.67 -2.95 -37.50
N PHE C 67 11.80 -3.21 -36.20
CA PHE C 67 11.92 -2.15 -35.20
C PHE C 67 13.38 -2.01 -34.75
N THR C 68 13.67 -0.86 -34.14
CA THR C 68 15.01 -0.58 -33.64
C THR C 68 14.89 0.29 -32.39
N THR C 69 15.55 -0.14 -31.32
CA THR C 69 15.57 0.61 -30.07
C THR C 69 16.76 1.55 -30.04
N SER C 70 16.60 2.66 -29.31
CA SER C 70 17.67 3.64 -29.16
C SER C 70 17.53 4.29 -27.80
N ARG C 71 18.60 4.98 -27.38
CA ARG C 71 18.60 5.67 -26.10
C ARG C 71 19.71 6.71 -26.10
N ASP C 72 19.46 7.83 -25.43
CA ASP C 72 20.42 8.92 -25.31
C ASP C 72 20.69 9.20 -23.84
N ASP C 73 21.98 9.37 -23.50
CA ASP C 73 22.35 9.63 -22.12
C ASP C 73 21.99 11.05 -21.67
N SER C 74 21.74 11.95 -22.61
CA SER C 74 21.37 13.33 -22.30
C SER C 74 19.87 13.57 -22.41
N LYS C 75 19.23 13.08 -23.47
CA LYS C 75 17.79 13.23 -23.61
C LYS C 75 17.00 12.25 -22.74
N ASN C 76 17.62 11.13 -22.35
CA ASN C 76 17.00 10.14 -21.47
C ASN C 76 15.68 9.62 -22.05
N THR C 77 15.56 9.59 -23.37
CA THR C 77 14.34 9.17 -24.06
C THR C 77 14.68 7.95 -24.90
N LEU C 78 14.36 6.76 -24.38
CA LEU C 78 14.59 5.50 -25.10
C LEU C 78 13.50 5.34 -26.15
N TYR C 79 13.82 5.67 -27.39
CA TYR C 79 12.85 5.60 -28.48
C TYR C 79 12.83 4.21 -29.10
N LEU C 80 11.74 3.92 -29.81
CA LEU C 80 11.53 2.65 -30.50
C LEU C 80 11.02 2.96 -31.90
N GLN C 81 11.95 3.08 -32.86
CA GLN C 81 11.60 3.38 -34.24
C GLN C 81 11.13 2.10 -34.92
N MET C 82 9.84 2.00 -35.19
CA MET C 82 9.24 0.81 -35.81
C MET C 82 8.87 1.16 -37.24
N ASN C 83 9.86 1.06 -38.14
CA ASN C 83 9.64 1.29 -39.56
C ASN C 83 9.22 -0.01 -40.24
N SER C 84 8.32 0.12 -41.22
CA SER C 84 7.78 -1.02 -41.97
C SER C 84 7.13 -2.04 -41.04
N LEU C 85 6.14 -1.56 -40.29
CA LEU C 85 5.43 -2.43 -39.36
C LEU C 85 4.40 -3.29 -40.09
N ARG C 86 4.06 -4.42 -39.47
CA ARG C 86 3.09 -5.35 -40.02
C ARG C 86 1.70 -5.05 -39.46
N GLY C 87 0.70 -5.73 -40.03
CA GLY C 87 -0.67 -5.54 -39.60
C GLY C 87 -0.95 -6.06 -38.20
N ASP C 88 -0.16 -7.01 -37.72
CA ASP C 88 -0.30 -7.55 -36.37
C ASP C 88 0.51 -6.76 -35.34
N ASP C 89 1.18 -5.69 -35.75
CA ASP C 89 1.99 -4.90 -34.84
C ASP C 89 1.16 -3.98 -33.95
N THR C 90 -0.14 -3.87 -34.18
CA THR C 90 -0.96 -2.99 -33.37
C THR C 90 -1.07 -3.52 -31.93
N ALA C 91 -0.78 -2.65 -30.97
CA ALA C 91 -0.69 -3.00 -29.56
C ALA C 91 -0.38 -1.74 -28.77
N VAL C 92 -0.54 -1.85 -27.45
CA VAL C 92 -0.07 -0.83 -26.52
C VAL C 92 1.35 -1.17 -26.12
N TYR C 93 2.23 -0.17 -26.12
CA TYR C 93 3.65 -0.40 -25.92
C TYR C 93 4.09 0.22 -24.60
N TYR C 94 4.68 -0.60 -23.73
CA TYR C 94 5.24 -0.15 -22.46
C TYR C 94 6.76 -0.28 -22.50
N CYS C 95 7.43 0.62 -21.79
CA CYS C 95 8.89 0.58 -21.64
C CYS C 95 9.21 0.71 -20.16
N ALA C 96 9.96 -0.25 -19.63
CA ALA C 96 10.24 -0.31 -18.20
C ALA C 96 11.49 -1.15 -17.97
N ARG C 97 11.76 -1.46 -16.71
CA ARG C 97 12.91 -2.29 -16.34
C ARG C 97 12.48 -3.31 -15.30
N ASP C 98 13.25 -4.39 -15.20
CA ASP C 98 13.05 -5.42 -14.20
C ASP C 98 14.36 -5.65 -13.46
N PRO C 99 14.29 -5.85 -12.14
CA PRO C 99 15.51 -5.86 -11.33
C PRO C 99 16.14 -7.24 -11.31
N PRO C 100 17.47 -7.32 -11.48
CA PRO C 100 18.16 -8.59 -11.29
C PRO C 100 18.45 -8.83 -9.81
N HIS C 101 17.55 -9.54 -9.13
CA HIS C 101 17.67 -9.82 -7.70
C HIS C 101 17.74 -8.53 -6.87
N ARG C 102 16.97 -7.52 -7.29
CA ARG C 102 16.92 -6.25 -6.60
C ARG C 102 15.47 -5.90 -6.29
N ARG C 103 15.28 -5.02 -5.29
CA ARG C 103 13.96 -4.58 -4.87
C ARG C 103 13.72 -3.18 -5.42
N GLY C 104 12.96 -3.10 -6.51
CA GLY C 104 12.65 -1.82 -7.12
C GLY C 104 12.36 -1.91 -8.61
N SER C 105 11.09 -1.79 -8.97
CA SER C 105 10.66 -1.84 -10.36
C SER C 105 9.69 -0.69 -10.63
N TYR C 106 9.70 -0.21 -11.87
CA TYR C 106 8.84 0.88 -12.27
C TYR C 106 8.42 0.67 -13.71
N TRP C 107 7.12 0.83 -13.97
CA TRP C 107 6.56 0.66 -15.31
C TRP C 107 5.84 1.93 -15.74
N GLY C 108 5.62 2.05 -17.05
CA GLY C 108 4.95 3.21 -17.60
C GLY C 108 3.57 2.89 -18.15
N GLN C 109 2.75 3.91 -18.38
CA GLN C 109 1.39 3.66 -18.86
C GLN C 109 1.37 3.26 -20.32
N GLY C 110 2.27 3.84 -21.12
CA GLY C 110 2.38 3.47 -22.52
C GLY C 110 1.34 4.15 -23.40
N THR C 111 1.59 4.12 -24.71
CA THR C 111 0.69 4.68 -25.70
C THR C 111 0.39 3.64 -26.77
N LEU C 112 -0.78 3.77 -27.38
CA LEU C 112 -1.27 2.78 -28.33
C LEU C 112 -0.75 3.08 -29.73
N VAL C 113 -0.34 2.02 -30.43
CA VAL C 113 0.11 2.09 -31.82
C VAL C 113 -0.88 1.30 -32.66
N THR C 114 -1.44 1.94 -33.68
CA THR C 114 -2.43 1.32 -34.55
C THR C 114 -1.79 0.94 -35.88
N VAL C 115 -2.37 -0.08 -36.52
CA VAL C 115 -1.91 -0.55 -37.82
C VAL C 115 -3.11 -0.71 -38.74
N SER C 116 -3.68 0.41 -39.18
CA SER C 116 -4.85 0.41 -40.06
C SER C 116 -4.70 1.50 -41.10
N SER C 117 -5.21 1.22 -42.30
CA SER C 117 -5.15 2.17 -43.41
C SER C 117 -6.35 3.10 -43.46
N ALA C 118 -7.26 3.01 -42.51
CA ALA C 118 -8.44 3.87 -42.50
C ALA C 118 -8.11 5.24 -41.92
N SER C 119 -9.04 6.17 -42.13
CA SER C 119 -8.87 7.56 -41.71
C SER C 119 -9.58 7.79 -40.38
N THR C 120 -8.98 8.66 -39.56
CA THR C 120 -9.53 9.00 -38.26
C THR C 120 -10.67 10.01 -38.38
N LYS C 121 -11.59 9.97 -37.43
CA LYS C 121 -12.74 10.86 -37.43
C LYS C 121 -13.39 10.84 -36.06
N GLY C 122 -14.04 11.95 -35.71
CA GLY C 122 -14.70 12.08 -34.43
C GLY C 122 -15.98 11.28 -34.36
N PRO C 123 -16.42 10.96 -33.13
CA PRO C 123 -17.66 10.19 -32.90
C PRO C 123 -18.91 11.07 -32.89
N VAL C 125 -22.71 11.95 -30.99
CA VAL C 125 -23.42 11.81 -29.71
C VAL C 125 -24.88 11.46 -29.94
N PHE C 126 -25.41 10.56 -29.11
CA PHE C 126 -26.79 10.10 -29.19
C PHE C 126 -27.33 9.96 -27.78
N PRO C 127 -28.57 10.42 -27.52
CA PRO C 127 -29.07 10.45 -26.13
C PRO C 127 -29.88 9.23 -25.74
N LEU C 128 -29.56 8.65 -24.58
CA LEU C 128 -30.41 7.63 -24.00
C LEU C 128 -31.54 8.30 -23.20
N ALA C 129 -32.72 7.72 -23.29
CA ALA C 129 -33.92 8.42 -22.83
C ALA C 129 -34.11 8.24 -21.33
N PRO C 130 -34.28 9.32 -20.57
CA PRO C 130 -34.72 9.20 -19.18
C PRO C 130 -36.23 9.26 -19.05
N SER C 131 -36.74 9.22 -17.83
CA SER C 131 -38.18 9.37 -17.53
C SER C 131 -39.01 8.29 -18.25
N SER C 132 -38.61 7.04 -18.06
CA SER C 132 -39.34 5.89 -18.58
C SER C 132 -40.06 5.11 -17.48
N LYS C 133 -39.36 4.74 -16.42
CA LYS C 133 -39.94 4.00 -15.31
C LYS C 133 -40.55 4.90 -14.24
N SER C 134 -40.68 6.20 -14.51
CA SER C 134 -41.12 7.18 -13.52
C SER C 134 -40.33 6.98 -12.23
N THR C 135 -41.04 6.76 -11.11
CA THR C 135 -40.44 6.51 -9.79
C THR C 135 -39.35 7.56 -9.62
N SER C 136 -38.13 7.18 -9.23
CA SER C 136 -36.90 7.80 -9.72
C SER C 136 -35.74 7.03 -9.10
N GLY C 137 -35.36 5.93 -9.74
CA GLY C 137 -34.35 5.01 -9.23
C GLY C 137 -33.04 5.66 -8.82
N ALA C 140 -32.08 5.99 -12.59
CA ALA C 140 -32.60 6.43 -13.87
C ALA C 140 -31.92 5.72 -15.03
N ALA C 141 -32.03 6.31 -16.22
CA ALA C 141 -31.43 5.74 -17.42
C ALA C 141 -30.79 6.80 -18.30
N LEU C 142 -30.31 7.89 -17.70
CA LEU C 142 -29.70 8.98 -18.45
C LEU C 142 -28.34 8.56 -19.00
N CYS C 144 -25.51 9.15 -22.76
CA CYS C 144 -25.09 9.52 -24.10
C CYS C 144 -24.26 8.41 -24.75
N LEU C 145 -24.40 8.25 -26.07
CA LEU C 145 -23.75 7.19 -26.82
C LEU C 145 -22.82 7.77 -27.87
N VAL C 146 -21.73 7.05 -28.15
CA VAL C 146 -20.77 7.43 -29.18
C VAL C 146 -20.94 6.48 -30.36
N LYS C 147 -21.12 7.04 -31.56
CA LYS C 147 -21.47 6.25 -32.73
C LYS C 147 -20.26 5.96 -33.62
N ASP C 148 -19.70 7.01 -34.24
CA ASP C 148 -18.60 6.83 -35.18
C ASP C 148 -17.39 6.21 -34.51
N TYR C 149 -16.72 6.97 -33.65
CA TYR C 149 -15.58 6.48 -32.86
C TYR C 149 -14.53 5.80 -33.73
N PHE C 150 -13.66 6.60 -34.34
CA PHE C 150 -12.61 6.06 -35.21
C PHE C 150 -11.27 5.93 -34.48
N PRO C 151 -10.84 6.91 -33.67
CA PRO C 151 -9.63 6.69 -32.88
C PRO C 151 -9.84 5.62 -31.82
N GLU C 152 -8.74 4.94 -31.46
CA GLU C 152 -8.87 3.92 -30.41
C GLU C 152 -9.19 4.53 -29.06
N PRO C 153 -8.56 5.62 -28.61
CA PRO C 153 -8.94 6.19 -27.31
C PRO C 153 -10.21 7.02 -27.42
N VAL C 154 -11.20 6.68 -26.59
CA VAL C 154 -12.46 7.43 -26.48
C VAL C 154 -12.69 7.70 -25.00
N THR C 155 -12.36 8.91 -24.54
CA THR C 155 -12.59 9.30 -23.16
C THR C 155 -14.00 9.87 -22.99
N VAL C 156 -14.47 9.87 -21.75
CA VAL C 156 -15.83 10.33 -21.44
C VAL C 156 -15.84 10.83 -20.00
N SER C 157 -16.45 12.00 -19.80
CA SER C 157 -16.60 12.59 -18.47
C SER C 157 -18.01 13.13 -18.32
N TRP C 158 -18.50 13.18 -17.09
CA TRP C 158 -19.87 13.59 -16.80
C TRP C 158 -19.85 14.83 -15.91
N ASN C 159 -20.70 15.80 -16.25
CA ASN C 159 -20.81 17.06 -15.52
C ASN C 159 -19.46 17.74 -15.38
N SER C 160 -18.67 17.67 -16.46
CA SER C 160 -17.27 18.13 -16.47
C SER C 160 -16.50 17.60 -15.26
N GLY C 161 -16.73 16.31 -14.96
CA GLY C 161 -16.06 15.65 -13.86
C GLY C 161 -16.70 15.82 -12.50
N ALA C 162 -17.80 16.56 -12.39
CA ALA C 162 -18.44 16.78 -11.10
C ALA C 162 -19.14 15.52 -10.60
N LEU C 163 -19.56 14.64 -11.51
CA LEU C 163 -20.30 13.44 -11.17
C LEU C 163 -19.35 12.25 -11.20
N THR C 164 -18.99 11.75 -10.01
CA THR C 164 -18.09 10.62 -9.87
C THR C 164 -18.77 9.40 -9.27
N SER C 165 -20.10 9.42 -9.14
CA SER C 165 -20.86 8.32 -8.57
C SER C 165 -21.84 7.78 -9.59
N GLY C 166 -22.00 6.46 -9.62
CA GLY C 166 -22.91 5.84 -10.57
C GLY C 166 -22.48 5.93 -12.02
N VAL C 167 -21.23 6.28 -12.28
CA VAL C 167 -20.72 6.42 -13.64
C VAL C 167 -20.15 5.08 -14.10
N HIS C 168 -20.42 4.74 -15.35
CA HIS C 168 -19.95 3.48 -15.93
C HIS C 168 -19.61 3.72 -17.40
N THR C 169 -18.33 3.88 -17.70
CA THR C 169 -17.87 4.04 -19.07
C THR C 169 -17.59 2.65 -19.64
N PHE C 170 -18.30 2.30 -20.71
CA PHE C 170 -18.25 0.97 -21.29
C PHE C 170 -17.11 0.87 -22.30
N PRO C 171 -16.53 -0.33 -22.48
CA PRO C 171 -15.49 -0.49 -23.48
C PRO C 171 -16.09 -0.53 -24.88
N ALA C 172 -15.29 -0.07 -25.85
CA ALA C 172 -15.75 0.01 -27.23
C ALA C 172 -15.92 -1.37 -27.84
N VAL C 173 -16.85 -1.47 -28.79
CA VAL C 173 -17.09 -2.69 -29.55
C VAL C 173 -17.05 -2.34 -31.03
N LEU C 174 -16.54 -3.26 -31.85
CA LEU C 174 -16.43 -3.05 -33.28
C LEU C 174 -17.55 -3.78 -33.99
N GLN C 175 -18.27 -3.06 -34.86
CA GLN C 175 -19.38 -3.62 -35.60
C GLN C 175 -18.88 -4.15 -36.95
N SER C 176 -19.78 -4.30 -37.92
CA SER C 176 -19.36 -4.75 -39.24
C SER C 176 -18.42 -3.76 -39.90
N SER C 177 -18.63 -2.46 -39.65
CA SER C 177 -17.74 -1.42 -40.14
C SER C 177 -16.65 -1.13 -39.11
N GLY C 178 -15.61 -0.43 -39.55
CA GLY C 178 -14.52 -0.06 -38.68
C GLY C 178 -14.80 1.18 -37.86
N LEU C 179 -16.08 1.47 -37.62
CA LEU C 179 -16.49 2.65 -36.86
C LEU C 179 -17.66 2.24 -35.98
N TYR C 180 -17.37 1.96 -34.70
CA TYR C 180 -18.39 1.59 -33.74
C TYR C 180 -17.77 1.63 -32.35
N SER C 181 -18.62 1.85 -31.35
CA SER C 181 -18.22 1.85 -29.95
C SER C 181 -19.46 2.01 -29.08
N LEU C 182 -19.29 1.85 -27.78
CA LEU C 182 -20.30 2.14 -26.79
C LEU C 182 -19.79 3.24 -25.87
N SER C 183 -20.71 3.95 -25.24
CA SER C 183 -20.35 5.07 -24.37
C SER C 183 -20.99 4.88 -22.99
N SER C 184 -20.77 5.87 -22.13
CA SER C 184 -21.08 5.76 -20.72
C SER C 184 -22.55 6.05 -20.42
N VAL C 185 -23.02 5.48 -19.31
CA VAL C 185 -24.35 5.74 -18.78
C VAL C 185 -24.20 6.06 -17.29
N VAL C 186 -25.18 6.79 -16.76
CA VAL C 186 -25.14 7.26 -15.38
C VAL C 186 -26.53 7.18 -14.77
N THR C 187 -26.59 6.70 -13.53
CA THR C 187 -27.83 6.68 -12.76
C THR C 187 -27.96 7.98 -11.98
N VAL C 188 -29.07 8.68 -12.19
CA VAL C 188 -29.36 9.93 -11.47
C VAL C 188 -30.37 9.61 -10.40
N PRO C 189 -30.05 9.77 -9.11
CA PRO C 189 -31.06 9.56 -8.05
C PRO C 189 -32.27 10.46 -8.20
N SER C 190 -32.12 11.60 -8.87
CA SER C 190 -33.21 12.53 -9.13
C SER C 190 -34.30 11.89 -9.99
N LEU C 193 -35.10 15.60 -12.12
CA LEU C 193 -33.81 16.06 -12.61
C LEU C 193 -33.53 17.50 -12.16
N GLY C 194 -34.57 18.32 -12.13
CA GLY C 194 -34.39 19.72 -11.76
C GLY C 194 -33.48 20.42 -12.73
N THR C 195 -32.48 21.12 -12.19
CA THR C 195 -31.44 21.73 -13.02
C THR C 195 -30.39 20.66 -13.32
N GLN C 196 -30.62 19.90 -14.38
CA GLN C 196 -29.75 18.78 -14.71
C GLN C 196 -28.44 19.30 -15.29
N THR C 197 -27.33 18.91 -14.66
CA THR C 197 -25.99 19.27 -15.13
C THR C 197 -25.48 18.24 -16.14
N TYR C 198 -26.35 17.89 -17.09
CA TYR C 198 -26.01 16.93 -18.13
C TYR C 198 -24.90 17.47 -19.03
N ILE C 199 -23.67 17.04 -18.79
CA ILE C 199 -22.50 17.48 -19.55
C ILE C 199 -21.70 16.23 -19.92
N CYS C 200 -21.92 15.72 -21.13
CA CYS C 200 -21.21 14.55 -21.64
C CYS C 200 -19.92 15.04 -22.28
N ASN C 201 -18.82 14.99 -21.52
CA ASN C 201 -17.53 15.49 -22.00
C ASN C 201 -16.77 14.33 -22.63
N VAL C 202 -16.85 14.22 -23.96
CA VAL C 202 -16.15 13.19 -24.72
C VAL C 202 -15.03 13.83 -25.52
N ASN C 203 -13.86 13.18 -25.52
CA ASN C 203 -12.67 13.66 -26.23
C ASN C 203 -12.09 12.51 -27.03
N HIS C 204 -12.54 12.36 -28.28
CA HIS C 204 -12.07 11.25 -29.11
C HIS C 204 -10.64 11.47 -29.59
N LYS C 205 -10.18 12.73 -29.61
CA LYS C 205 -8.84 13.15 -30.02
C LYS C 205 -8.57 13.01 -31.52
N PRO C 206 -9.52 13.37 -32.42
CA PRO C 206 -9.11 13.91 -33.72
C PRO C 206 -9.35 15.41 -33.71
N SER C 207 -9.00 16.04 -32.59
CA SER C 207 -9.39 17.42 -32.26
C SER C 207 -10.91 17.51 -32.13
N ASN C 208 -11.49 16.63 -31.31
CA ASN C 208 -12.92 16.62 -31.02
C ASN C 208 -13.10 16.56 -29.51
N THR C 209 -13.79 17.57 -28.96
CA THR C 209 -14.03 17.64 -27.53
C THR C 209 -15.24 18.50 -27.21
N LYS C 210 -16.43 18.04 -27.58
CA LYS C 210 -17.66 18.79 -27.43
C LYS C 210 -18.53 18.18 -26.33
N VAL C 211 -19.12 19.04 -25.50
CA VAL C 211 -20.01 18.62 -24.43
C VAL C 211 -21.44 18.59 -24.96
N ASP C 212 -22.25 17.69 -24.41
CA ASP C 212 -23.65 17.54 -24.80
C ASP C 212 -24.53 17.65 -23.56
N LYS C 213 -25.84 17.55 -23.77
CA LYS C 213 -26.80 17.64 -22.69
C LYS C 213 -28.01 16.78 -23.02
N LYS C 214 -28.40 15.93 -22.07
CA LYS C 214 -29.54 15.03 -22.24
C LYS C 214 -30.72 15.54 -21.43
N VAL C 215 -31.91 15.51 -22.04
CA VAL C 215 -33.14 15.96 -21.41
C VAL C 215 -34.24 14.95 -21.73
N GLU C 216 -35.40 15.15 -21.11
CA GLU C 216 -36.55 14.27 -21.32
C GLU C 216 -37.12 14.44 -22.73
N ASP D 1 13.49 -20.34 -26.85
CA ASP D 1 12.05 -20.48 -27.10
C ASP D 1 11.38 -21.22 -25.95
N ILE D 2 11.19 -20.52 -24.84
CA ILE D 2 10.67 -21.10 -23.60
C ILE D 2 9.17 -20.83 -23.54
N LEU D 3 8.42 -21.81 -23.05
CA LEU D 3 6.96 -21.73 -22.95
C LEU D 3 6.56 -21.76 -21.48
N MET D 4 5.84 -20.74 -21.04
CA MET D 4 5.32 -20.66 -19.68
C MET D 4 3.81 -20.89 -19.72
N THR D 5 3.38 -22.07 -19.27
CA THR D 5 1.96 -22.39 -19.17
C THR D 5 1.49 -22.07 -17.76
N GLN D 6 0.53 -21.16 -17.66
CA GLN D 6 0.00 -20.71 -16.38
C GLN D 6 -1.42 -21.26 -16.25
N SER D 7 -1.63 -22.14 -15.27
CA SER D 7 -2.70 -23.12 -15.37
C SER D 7 -4.09 -22.50 -15.31
N PRO D 8 -4.50 -21.84 -14.21
CA PRO D 8 -5.89 -21.36 -14.16
C PRO D 8 -6.05 -20.02 -14.85
N SER D 9 -6.82 -19.98 -15.94
CA SER D 9 -7.01 -18.72 -16.65
C SER D 9 -8.00 -17.82 -15.94
N SER D 10 -8.95 -18.39 -15.19
CA SER D 10 -9.95 -17.63 -14.47
C SER D 10 -10.03 -18.14 -13.04
N LEU D 11 -10.34 -17.24 -12.12
CA LEU D 11 -10.31 -17.55 -10.71
C LEU D 11 -11.39 -16.73 -10.00
N SER D 12 -12.06 -17.35 -9.03
CA SER D 12 -13.14 -16.69 -8.31
C SER D 12 -13.15 -17.19 -6.87
N ALA D 13 -13.15 -16.24 -5.93
CA ALA D 13 -13.15 -16.57 -4.51
C ALA D 13 -13.70 -15.38 -3.74
N SER D 14 -14.13 -15.65 -2.51
CA SER D 14 -14.65 -14.60 -1.63
C SER D 14 -13.51 -13.90 -0.91
N VAL D 15 -13.86 -12.88 -0.13
CA VAL D 15 -12.87 -12.13 0.63
C VAL D 15 -12.21 -13.04 1.65
N GLY D 16 -10.88 -13.01 1.70
CA GLY D 16 -10.13 -13.76 2.69
C GLY D 16 -9.78 -15.18 2.31
N ASP D 17 -10.11 -15.61 1.09
CA ASP D 17 -9.85 -16.97 0.65
C ASP D 17 -8.41 -17.11 0.14
N ARG D 18 -7.87 -18.31 0.28
CA ARG D 18 -6.54 -18.62 -0.22
C ARG D 18 -6.65 -19.08 -1.67
N VAL D 19 -5.99 -18.37 -2.57
CA VAL D 19 -6.02 -18.71 -3.99
C VAL D 19 -4.59 -18.88 -4.47
N THR D 20 -4.40 -19.82 -5.40
CA THR D 20 -3.08 -20.13 -5.92
C THR D 20 -3.15 -20.34 -7.43
N ILE D 21 -2.20 -19.76 -8.14
CA ILE D 21 -2.06 -19.94 -9.58
C ILE D 21 -0.65 -20.42 -9.85
N THR D 22 -0.53 -21.44 -10.70
CA THR D 22 0.75 -22.09 -10.96
C THR D 22 1.32 -21.64 -12.31
N CYS D 23 2.57 -22.03 -12.55
CA CYS D 23 3.26 -21.71 -13.80
C CYS D 23 4.30 -22.78 -14.06
N GLN D 24 4.25 -23.38 -15.25
CA GLN D 24 5.17 -24.44 -15.63
C GLN D 24 6.00 -23.98 -16.82
N ALA D 25 7.31 -24.21 -16.74
CA ALA D 25 8.25 -23.85 -17.80
C ALA D 25 8.66 -25.09 -18.58
N SER D 26 8.98 -24.88 -19.86
CA SER D 26 9.48 -25.97 -20.68
C SER D 26 10.91 -26.35 -20.33
N GLN D 27 11.67 -25.42 -19.76
CA GLN D 27 13.04 -25.68 -19.34
C GLN D 27 13.16 -25.44 -17.84
N ASP D 28 14.37 -25.15 -17.37
CA ASP D 28 14.64 -24.88 -15.96
C ASP D 28 15.00 -23.40 -15.84
N ILE D 29 14.20 -22.67 -15.08
CA ILE D 29 14.34 -21.22 -15.02
C ILE D 29 15.02 -20.86 -13.71
N ASN D 30 15.47 -21.89 -13.00
CA ASN D 30 16.09 -21.76 -11.68
C ASN D 30 15.07 -21.06 -10.79
N LYS D 31 15.41 -19.95 -10.16
CA LYS D 31 14.49 -19.15 -9.37
C LYS D 31 14.25 -17.81 -10.06
N TYR D 32 14.17 -17.83 -11.39
CA TYR D 32 14.10 -16.59 -12.17
C TYR D 32 12.73 -16.45 -12.83
N LEU D 33 11.68 -16.44 -12.03
CA LEU D 33 10.32 -16.17 -12.49
C LEU D 33 9.81 -14.93 -11.79
N ASN D 34 9.17 -14.05 -12.55
CA ASN D 34 8.56 -12.85 -12.02
C ASN D 34 7.05 -12.92 -12.22
N TRP D 35 6.31 -12.50 -11.20
CA TRP D 35 4.86 -12.47 -11.23
C TRP D 35 4.39 -11.03 -11.32
N TYR D 36 3.50 -10.74 -12.27
CA TYR D 36 3.03 -9.38 -12.50
C TYR D 36 1.52 -9.29 -12.26
N GLN D 37 1.07 -8.08 -11.95
CA GLN D 37 -0.34 -7.80 -11.72
C GLN D 37 -0.76 -6.68 -12.67
N GLN D 38 -1.58 -7.02 -13.67
CA GLN D 38 -2.06 -6.05 -14.64
C GLN D 38 -3.41 -5.53 -14.17
N LYS D 39 -3.43 -4.27 -13.77
CA LYS D 39 -4.63 -3.67 -13.20
C LYS D 39 -5.56 -3.17 -14.30
N PRO D 40 -6.87 -3.10 -14.02
CA PRO D 40 -7.82 -2.53 -14.97
C PRO D 40 -7.39 -1.20 -15.58
N GLY D 41 -7.11 -1.21 -16.88
CA GLY D 41 -6.74 0.02 -17.57
C GLY D 41 -5.49 0.68 -17.04
N LYS D 42 -4.59 -0.08 -16.43
CA LYS D 42 -3.39 0.46 -15.82
C LYS D 42 -2.18 -0.35 -16.29
N ALA D 43 -1.01 0.05 -15.82
CA ALA D 43 0.22 -0.64 -16.19
C ALA D 43 0.45 -1.86 -15.30
N PRO D 44 1.12 -2.89 -15.82
CA PRO D 44 1.49 -4.02 -14.96
C PRO D 44 2.53 -3.61 -13.92
N LYS D 45 2.28 -4.00 -12.67
CA LYS D 45 3.19 -3.73 -11.57
C LYS D 45 3.85 -5.03 -11.12
N LEU D 46 5.14 -4.94 -10.78
CA LEU D 46 5.86 -6.10 -10.28
C LEU D 46 5.45 -6.38 -8.84
N LEU D 47 5.00 -7.59 -8.58
CA LEU D 47 4.64 -8.04 -7.24
C LEU D 47 5.64 -9.02 -6.66
N ILE D 48 6.16 -9.93 -7.49
CA ILE D 48 7.08 -10.98 -7.06
C ILE D 48 8.22 -11.01 -8.07
N TYR D 49 9.45 -10.85 -7.59
CA TYR D 49 10.63 -10.97 -8.42
C TYR D 49 11.49 -12.12 -7.92
N ASP D 50 12.05 -12.88 -8.87
CA ASP D 50 12.85 -14.06 -8.55
C ASP D 50 12.05 -15.04 -7.70
N ALA D 51 10.81 -15.30 -8.13
CA ALA D 51 9.94 -16.33 -7.59
C ALA D 51 9.48 -16.06 -6.15
N SER D 52 10.41 -15.76 -5.25
CA SER D 52 10.09 -15.73 -3.83
C SER D 52 10.30 -14.38 -3.15
N ASN D 53 10.65 -13.33 -3.88
CA ASN D 53 10.99 -12.05 -3.27
C ASN D 53 9.91 -11.02 -3.55
N LEU D 54 9.40 -10.41 -2.48
CA LEU D 54 8.40 -9.36 -2.59
C LEU D 54 9.02 -8.08 -3.13
N GLU D 55 8.19 -7.25 -3.75
CA GLU D 55 8.61 -5.94 -4.22
C GLU D 55 8.54 -4.95 -3.07
N THR D 56 8.74 -3.67 -3.37
CA THR D 56 8.68 -2.62 -2.36
C THR D 56 7.24 -2.17 -2.19
N GLY D 57 6.70 -2.35 -1.00
CA GLY D 57 5.35 -1.90 -0.71
C GLY D 57 4.24 -2.79 -1.21
N VAL D 58 4.46 -4.10 -1.23
CA VAL D 58 3.45 -5.08 -1.62
C VAL D 58 2.98 -5.79 -0.36
N PRO D 59 1.66 -5.90 -0.13
CA PRO D 59 1.17 -6.50 1.12
C PRO D 59 1.62 -7.95 1.27
N SER D 60 1.46 -8.45 2.50
CA SER D 60 1.97 -9.77 2.86
C SER D 60 1.12 -10.92 2.31
N ARG D 61 -0.12 -10.64 1.91
CA ARG D 61 -0.97 -11.71 1.38
C ARG D 61 -0.38 -12.32 0.12
N PHE D 62 0.40 -11.55 -0.63
CA PHE D 62 1.01 -12.03 -1.86
C PHE D 62 2.30 -12.79 -1.55
N SER D 63 2.46 -13.96 -2.16
CA SER D 63 3.63 -14.79 -1.94
C SER D 63 3.90 -15.60 -3.20
N GLY D 64 5.13 -16.12 -3.29
CA GLY D 64 5.53 -16.93 -4.43
C GLY D 64 6.56 -17.98 -4.09
N SER D 65 6.46 -19.15 -4.72
CA SER D 65 7.35 -20.26 -4.47
C SER D 65 7.58 -21.02 -5.77
N GLY D 66 8.60 -21.87 -5.76
CA GLY D 66 8.89 -22.74 -6.87
C GLY D 66 10.35 -22.69 -7.27
N SER D 67 10.70 -23.61 -8.17
CA SER D 67 12.06 -23.69 -8.70
C SER D 67 12.06 -24.55 -9.95
N GLY D 68 12.78 -24.08 -10.97
CA GLY D 68 12.97 -24.85 -12.18
C GLY D 68 11.75 -24.94 -13.05
N THR D 69 10.94 -25.97 -12.82
CA THR D 69 9.85 -26.31 -13.72
C THR D 69 8.52 -25.73 -13.22
N ASP D 70 8.10 -26.12 -12.02
CA ASP D 70 6.84 -25.66 -11.46
C ASP D 70 7.05 -24.54 -10.45
N PHE D 71 6.20 -23.52 -10.53
CA PHE D 71 6.18 -22.41 -9.59
C PHE D 71 4.73 -22.12 -9.21
N SER D 72 4.56 -21.45 -8.07
CA SER D 72 3.24 -21.10 -7.59
C SER D 72 3.23 -19.67 -7.07
N PHE D 73 2.07 -19.04 -7.16
CA PHE D 73 1.84 -17.69 -6.68
C PHE D 73 0.53 -17.70 -5.91
N THR D 74 0.59 -17.29 -4.64
CA THR D 74 -0.54 -17.46 -3.74
C THR D 74 -0.93 -16.14 -3.10
N ILE D 75 -2.24 -15.90 -3.02
CA ILE D 75 -2.81 -14.81 -2.26
C ILE D 75 -3.50 -15.41 -1.04
N SER D 76 -3.00 -15.08 0.16
CA SER D 76 -3.50 -15.68 1.39
C SER D 76 -4.93 -15.26 1.68
N SER D 77 -5.15 -13.97 1.96
CA SER D 77 -6.48 -13.41 2.18
C SER D 77 -6.81 -12.49 1.01
N LEU D 78 -7.58 -13.01 0.07
CA LEU D 78 -7.94 -12.24 -1.12
C LEU D 78 -8.76 -11.01 -0.74
N GLN D 79 -8.34 -9.87 -1.28
CA GLN D 79 -9.02 -8.61 -1.02
C GLN D 79 -9.74 -8.12 -2.28
N PRO D 80 -10.85 -7.38 -2.12
CA PRO D 80 -11.61 -6.93 -3.30
C PRO D 80 -10.83 -6.01 -4.21
N GLU D 81 -9.66 -5.51 -3.80
CA GLU D 81 -8.84 -4.66 -4.66
C GLU D 81 -7.88 -5.46 -5.53
N ASP D 82 -7.97 -6.79 -5.50
CA ASP D 82 -7.07 -7.66 -6.26
C ASP D 82 -7.73 -8.21 -7.52
N VAL D 83 -8.74 -7.51 -8.06
CA VAL D 83 -9.45 -8.01 -9.23
C VAL D 83 -8.56 -8.08 -10.46
N ALA D 84 -7.40 -7.43 -10.43
CA ALA D 84 -6.49 -7.39 -11.57
C ALA D 84 -6.13 -8.80 -12.06
N THR D 85 -5.70 -8.87 -13.32
CA THR D 85 -5.18 -10.09 -13.90
C THR D 85 -3.69 -10.26 -13.57
N TYR D 86 -3.22 -11.50 -13.62
CA TYR D 86 -1.87 -11.85 -13.18
C TYR D 86 -1.14 -12.65 -14.26
N TYR D 87 0.17 -12.43 -14.34
CA TYR D 87 0.97 -12.90 -15.45
C TYR D 87 2.29 -13.49 -14.95
N CYS D 88 2.84 -14.40 -15.75
CA CYS D 88 4.15 -14.99 -15.55
C CYS D 88 5.18 -14.32 -16.45
N GLN D 89 6.46 -14.49 -16.11
CA GLN D 89 7.54 -14.07 -17.00
C GLN D 89 8.83 -14.76 -16.58
N GLN D 90 9.35 -15.62 -17.46
CA GLN D 90 10.68 -16.18 -17.27
C GLN D 90 11.72 -15.16 -17.73
N SER D 91 12.61 -14.78 -16.81
CA SER D 91 13.57 -13.71 -17.06
C SER D 91 14.98 -14.21 -17.32
N ASP D 92 15.21 -15.52 -17.30
CA ASP D 92 16.58 -16.04 -17.41
C ASP D 92 17.07 -16.03 -18.85
N ASN D 93 16.48 -16.88 -19.70
CA ASN D 93 16.99 -17.10 -21.04
C ASN D 93 16.79 -15.85 -21.91
N LEU D 94 17.37 -15.92 -23.12
CA LEU D 94 17.50 -14.70 -23.93
C LEU D 94 16.15 -14.13 -24.35
N PRO D 95 15.21 -14.89 -24.91
CA PRO D 95 13.89 -14.32 -25.16
C PRO D 95 12.99 -14.51 -23.96
N PRO D 96 12.62 -13.43 -23.27
CA PRO D 96 11.70 -13.57 -22.14
C PRO D 96 10.30 -13.91 -22.63
N THR D 97 9.65 -14.81 -21.91
CA THR D 97 8.35 -15.32 -22.30
C THR D 97 7.33 -15.05 -21.19
N PHE D 98 6.23 -14.41 -21.58
CA PHE D 98 5.10 -14.20 -20.67
C PHE D 98 4.19 -15.42 -20.69
N GLY D 99 3.41 -15.57 -19.62
CA GLY D 99 2.44 -16.64 -19.51
C GLY D 99 1.04 -16.14 -19.79
N GLN D 100 0.19 -17.03 -20.30
CA GLN D 100 -1.21 -16.70 -20.49
C GLN D 100 -1.84 -16.38 -19.13
N GLY D 101 -2.43 -15.20 -19.02
CA GLY D 101 -2.76 -14.63 -17.73
C GLY D 101 -3.88 -15.36 -16.98
N THR D 102 -4.14 -14.86 -15.77
CA THR D 102 -5.21 -15.34 -14.91
C THR D 102 -6.05 -14.15 -14.48
N ASN D 103 -7.32 -14.16 -14.85
CA ASN D 103 -8.25 -13.12 -14.41
C ASN D 103 -8.84 -13.54 -13.06
N VAL D 104 -8.62 -12.72 -12.04
CA VAL D 104 -9.12 -13.00 -10.70
C VAL D 104 -10.41 -12.23 -10.48
N GLU D 105 -11.46 -12.95 -10.11
CA GLU D 105 -12.75 -12.36 -9.78
C GLU D 105 -13.02 -12.53 -8.29
N ILE D 106 -13.57 -11.48 -7.67
CA ILE D 106 -13.91 -11.52 -6.26
C ILE D 106 -15.37 -11.91 -6.12
N LYS D 107 -15.63 -12.98 -5.37
CA LYS D 107 -17.00 -13.46 -5.20
C LYS D 107 -17.81 -12.47 -4.37
N ARG D 108 -19.13 -12.50 -4.59
CA ARG D 108 -20.03 -11.50 -4.03
C ARG D 108 -21.41 -12.11 -3.94
N THR D 109 -22.24 -11.55 -3.06
CA THR D 109 -23.62 -12.01 -2.96
C THR D 109 -24.36 -11.74 -4.26
N VAL D 110 -25.42 -12.52 -4.49
CA VAL D 110 -26.18 -12.41 -5.73
C VAL D 110 -26.88 -11.07 -5.77
N ALA D 111 -26.74 -10.36 -6.89
CA ALA D 111 -27.38 -9.06 -7.09
C ALA D 111 -28.09 -9.07 -8.43
N ALA D 112 -29.36 -8.67 -8.43
CA ALA D 112 -30.13 -8.57 -9.68
C ALA D 112 -29.88 -7.22 -10.35
N PRO D 113 -29.85 -7.16 -11.69
CA PRO D 113 -29.51 -5.91 -12.35
C PRO D 113 -30.70 -4.99 -12.49
N SER D 114 -30.41 -3.70 -12.53
CA SER D 114 -31.42 -2.70 -12.85
C SER D 114 -31.55 -2.61 -14.36
N VAL D 115 -32.74 -2.89 -14.88
CA VAL D 115 -32.99 -2.95 -16.31
C VAL D 115 -33.49 -1.61 -16.80
N PHE D 116 -32.94 -1.13 -17.91
CA PHE D 116 -33.33 0.13 -18.51
C PHE D 116 -33.25 0.01 -20.03
N ILE D 117 -34.08 0.79 -20.72
CA ILE D 117 -34.16 0.76 -22.18
C ILE D 117 -33.91 2.16 -22.72
N PHE D 118 -33.53 2.22 -23.99
CA PHE D 118 -33.26 3.48 -24.68
C PHE D 118 -33.69 3.37 -26.13
N PRO D 119 -34.69 4.14 -26.56
CA PRO D 119 -35.18 4.04 -27.95
C PRO D 119 -34.17 4.62 -28.93
N PRO D 120 -34.41 4.48 -30.23
CA PRO D 120 -33.51 5.11 -31.21
C PRO D 120 -33.38 6.60 -30.98
N SER D 121 -32.25 7.15 -31.42
CA SER D 121 -31.90 8.54 -31.16
C SER D 121 -32.40 9.44 -32.28
N ASP D 122 -32.76 10.67 -31.91
CA ASP D 122 -33.24 11.64 -32.89
C ASP D 122 -32.12 12.07 -33.82
N GLU D 123 -30.93 12.36 -33.28
CA GLU D 123 -29.81 12.73 -34.13
C GLU D 123 -29.32 11.54 -34.96
N GLN D 124 -29.53 10.32 -34.47
CA GLN D 124 -29.16 9.12 -35.20
C GLN D 124 -30.25 8.62 -36.14
N LEU D 125 -31.51 9.02 -35.91
CA LEU D 125 -32.57 8.63 -36.84
C LEU D 125 -32.42 9.32 -38.18
N LYS D 126 -31.83 10.52 -38.21
CA LYS D 126 -31.57 11.19 -39.47
C LYS D 126 -30.50 10.46 -40.28
N SER D 127 -29.63 9.70 -39.62
CA SER D 127 -28.65 8.89 -40.30
C SER D 127 -29.31 7.64 -40.90
N GLY D 128 -28.52 6.90 -41.67
CA GLY D 128 -29.04 5.71 -42.33
C GLY D 128 -29.41 4.57 -41.39
N THR D 129 -28.85 4.57 -40.17
CA THR D 129 -29.10 3.51 -39.21
C THR D 129 -29.38 4.12 -37.84
N ALA D 130 -30.18 3.39 -37.06
CA ALA D 130 -30.51 3.79 -35.69
C ALA D 130 -30.35 2.59 -34.77
N SER D 131 -29.89 2.84 -33.55
CA SER D 131 -29.60 1.79 -32.58
C SER D 131 -30.42 1.98 -31.32
N VAL D 132 -30.91 0.87 -30.78
CA VAL D 132 -31.62 0.84 -29.51
C VAL D 132 -30.74 0.19 -28.46
N VAL D 133 -30.78 0.71 -27.24
CA VAL D 133 -29.86 0.29 -26.18
C VAL D 133 -30.66 -0.33 -25.03
N CYS D 134 -30.04 -1.32 -24.40
CA CYS D 134 -30.57 -1.97 -23.20
C CYS D 134 -29.44 -2.08 -22.19
N LEU D 135 -29.71 -1.68 -20.94
CA LEU D 135 -28.67 -1.55 -19.94
C LEU D 135 -28.99 -2.36 -18.69
N LEU D 136 -28.01 -3.13 -18.23
CA LEU D 136 -28.04 -3.82 -16.94
C LEU D 136 -27.08 -3.08 -16.01
N ASN D 137 -27.61 -2.55 -14.91
CA ASN D 137 -26.81 -1.64 -14.08
C ASN D 137 -25.76 -2.37 -13.26
N ASN D 138 -26.20 -3.08 -12.21
CA ASN D 138 -25.28 -3.72 -11.27
C ASN D 138 -25.82 -5.11 -10.95
N PHE D 139 -24.99 -6.13 -11.18
CA PHE D 139 -25.44 -7.50 -11.01
C PHE D 139 -24.25 -8.41 -10.78
N TYR D 140 -24.49 -9.52 -10.08
CA TYR D 140 -23.50 -10.56 -9.90
C TYR D 140 -24.24 -11.90 -10.02
N PRO D 141 -23.67 -12.87 -10.75
CA PRO D 141 -22.41 -12.82 -11.50
C PRO D 141 -22.56 -12.11 -12.85
N ARG D 142 -21.56 -12.20 -13.72
CA ARG D 142 -21.62 -11.61 -15.05
C ARG D 142 -22.33 -12.52 -16.06
N GLU D 143 -23.04 -13.53 -15.59
CA GLU D 143 -23.73 -14.49 -16.47
C GLU D 143 -25.17 -14.04 -16.65
N ALA D 144 -25.38 -13.12 -17.59
CA ALA D 144 -26.69 -12.60 -17.92
C ALA D 144 -27.02 -12.89 -19.37
N LYS D 145 -28.31 -13.08 -19.65
CA LYS D 145 -28.81 -13.39 -20.99
C LYS D 145 -29.70 -12.25 -21.46
N VAL D 146 -29.35 -11.66 -22.61
CA VAL D 146 -30.12 -10.56 -23.19
C VAL D 146 -30.60 -11.00 -24.57
N GLN D 147 -31.92 -11.02 -24.75
CA GLN D 147 -32.53 -11.39 -26.02
C GLN D 147 -33.29 -10.20 -26.58
N TRP D 148 -33.29 -10.08 -27.91
CA TRP D 148 -33.99 -9.01 -28.62
C TRP D 148 -35.22 -9.58 -29.29
N LYS D 149 -36.39 -9.01 -28.97
CA LYS D 149 -37.65 -9.49 -29.52
C LYS D 149 -38.07 -8.72 -30.76
N VAL D 150 -38.10 -7.39 -30.68
CA VAL D 150 -38.51 -6.52 -31.79
C VAL D 150 -39.90 -6.92 -32.26
N ASP D 151 -40.82 -7.12 -31.30
CA ASP D 151 -42.19 -7.55 -31.52
C ASP D 151 -42.28 -8.96 -32.12
N ASN D 152 -41.15 -9.65 -32.26
CA ASN D 152 -41.12 -11.03 -32.73
C ASN D 152 -40.79 -11.97 -31.59
N ALA D 153 -41.14 -13.25 -31.77
CA ALA D 153 -40.86 -14.23 -30.73
C ALA D 153 -39.36 -14.40 -30.51
N LEU D 154 -38.55 -14.20 -31.56
CA LEU D 154 -37.11 -14.29 -31.43
C LEU D 154 -36.50 -13.57 -32.65
N GLN D 155 -36.06 -12.33 -32.45
CA GLN D 155 -35.42 -11.53 -33.49
C GLN D 155 -34.10 -10.99 -32.95
N SER D 156 -33.12 -11.89 -32.81
CA SER D 156 -31.82 -11.49 -32.28
C SER D 156 -31.17 -10.42 -33.15
N GLY D 157 -31.26 -10.58 -34.47
CA GLY D 157 -30.70 -9.58 -35.36
C GLY D 157 -29.20 -9.51 -35.23
N ASN D 158 -28.68 -8.29 -35.09
CA ASN D 158 -27.24 -8.04 -34.96
C ASN D 158 -27.03 -7.16 -33.73
N SER D 159 -27.08 -7.78 -32.56
CA SER D 159 -26.87 -7.08 -31.30
C SER D 159 -25.40 -7.13 -30.91
N GLN D 160 -24.94 -6.07 -30.25
CA GLN D 160 -23.56 -5.96 -29.77
C GLN D 160 -23.59 -5.68 -28.28
N GLU D 161 -22.83 -6.48 -27.52
CA GLU D 161 -22.78 -6.37 -26.07
C GLU D 161 -21.45 -5.80 -25.62
N SER D 162 -21.51 -4.93 -24.61
CA SER D 162 -20.33 -4.35 -23.99
C SER D 162 -20.46 -4.47 -22.47
N VAL D 163 -19.47 -5.09 -21.83
CA VAL D 163 -19.50 -5.39 -20.41
C VAL D 163 -18.39 -4.62 -19.71
N THR D 164 -18.72 -3.97 -18.60
CA THR D 164 -17.76 -3.25 -17.79
C THR D 164 -17.09 -4.20 -16.79
N GLU D 165 -15.95 -3.77 -16.27
CA GLU D 165 -15.19 -4.58 -15.33
C GLU D 165 -15.87 -4.55 -13.96
N GLN D 166 -15.32 -5.32 -13.02
CA GLN D 166 -15.88 -5.37 -11.67
C GLN D 166 -15.59 -4.08 -10.93
N ASP D 167 -16.63 -3.49 -10.33
CA ASP D 167 -16.47 -2.25 -9.59
C ASP D 167 -15.60 -2.46 -8.36
N SER D 168 -15.04 -1.36 -7.86
CA SER D 168 -14.14 -1.43 -6.71
C SER D 168 -14.91 -1.66 -5.42
N LYS D 169 -15.96 -0.87 -5.18
CA LYS D 169 -16.73 -0.99 -3.95
C LYS D 169 -17.94 -1.91 -4.09
N ASP D 170 -18.64 -1.85 -5.22
CA ASP D 170 -19.82 -2.68 -5.41
C ASP D 170 -19.45 -4.11 -5.79
N SER D 171 -18.35 -4.29 -6.51
CA SER D 171 -17.92 -5.60 -7.03
C SER D 171 -18.98 -6.22 -7.93
N THR D 172 -19.56 -5.39 -8.80
CA THR D 172 -20.59 -5.82 -9.74
C THR D 172 -20.16 -5.43 -11.15
N TYR D 173 -20.99 -5.83 -12.12
CA TYR D 173 -20.73 -5.58 -13.53
C TYR D 173 -21.77 -4.63 -14.10
N SER D 174 -21.73 -4.44 -15.41
CA SER D 174 -22.69 -3.60 -16.13
C SER D 174 -22.64 -3.97 -17.60
N LEU D 175 -23.80 -4.28 -18.18
CA LEU D 175 -23.90 -4.73 -19.56
C LEU D 175 -24.68 -3.73 -20.39
N SER D 176 -24.30 -3.60 -21.66
CA SER D 176 -24.99 -2.74 -22.62
C SER D 176 -25.15 -3.49 -23.93
N SER D 177 -26.40 -3.80 -24.29
CA SER D 177 -26.72 -4.47 -25.54
C SER D 177 -27.34 -3.46 -26.50
N THR D 178 -26.64 -3.19 -27.59
CA THR D 178 -27.09 -2.23 -28.60
C THR D 178 -27.44 -2.99 -29.88
N LEU D 179 -28.67 -2.82 -30.35
CA LEU D 179 -29.14 -3.43 -31.59
C LEU D 179 -29.34 -2.32 -32.62
N THR D 180 -28.60 -2.40 -33.72
CA THR D 180 -28.69 -1.42 -34.80
C THR D 180 -29.55 -1.96 -35.93
N LEU D 181 -30.24 -1.05 -36.62
CA LEU D 181 -31.12 -1.40 -37.72
C LEU D 181 -31.14 -0.26 -38.72
N SER D 182 -31.38 -0.61 -39.99
CA SER D 182 -31.43 0.38 -41.05
C SER D 182 -32.63 1.29 -40.85
N LYS D 183 -32.38 2.57 -40.61
CA LYS D 183 -33.44 3.54 -40.37
C LYS D 183 -34.28 3.77 -41.62
N TYR D 186 -36.69 1.22 -41.28
CA TYR D 186 -36.68 1.09 -39.82
C TYR D 186 -37.81 0.19 -39.35
N GLU D 187 -37.53 -0.60 -38.31
CA GLU D 187 -38.58 -1.39 -37.69
C GLU D 187 -39.58 -0.52 -36.95
N LYS D 188 -39.14 0.66 -36.48
CA LYS D 188 -40.03 1.58 -35.76
C LYS D 188 -41.35 1.73 -36.50
N HIS D 189 -42.44 1.53 -35.76
CA HIS D 189 -43.73 1.01 -36.20
C HIS D 189 -43.74 -0.44 -35.81
N LYS D 190 -43.14 -0.72 -34.65
CA LYS D 190 -43.08 -2.07 -34.09
C LYS D 190 -42.83 -1.94 -32.60
N VAL D 191 -43.12 -3.03 -31.88
CA VAL D 191 -42.96 -3.06 -30.44
C VAL D 191 -41.62 -3.72 -30.11
N TYR D 192 -40.53 -2.97 -30.27
CA TYR D 192 -39.21 -3.47 -29.92
C TYR D 192 -39.07 -3.61 -28.41
N ALA D 193 -38.46 -4.70 -27.98
CA ALA D 193 -38.31 -5.01 -26.56
C ALA D 193 -36.94 -5.62 -26.30
N CYS D 194 -36.70 -6.01 -25.04
CA CYS D 194 -35.44 -6.61 -24.64
C CYS D 194 -35.69 -7.47 -23.42
N GLU D 195 -35.48 -8.78 -23.55
CA GLU D 195 -35.69 -9.72 -22.46
C GLU D 195 -34.37 -9.97 -21.74
N VAL D 196 -34.35 -9.71 -20.43
CA VAL D 196 -33.17 -9.88 -19.60
C VAL D 196 -33.41 -11.03 -18.64
N THR D 197 -32.44 -11.94 -18.55
CA THR D 197 -32.52 -13.09 -17.67
C THR D 197 -31.28 -13.16 -16.79
N HIS D 198 -31.47 -13.27 -15.48
CA HIS D 198 -30.36 -13.30 -14.54
C HIS D 198 -30.72 -14.20 -13.37
N GLN D 199 -29.68 -14.64 -12.66
CA GLN D 199 -29.88 -15.48 -11.48
C GLN D 199 -30.57 -14.72 -10.36
N GLY D 200 -30.31 -13.41 -10.24
CA GLY D 200 -30.95 -12.63 -9.19
C GLY D 200 -32.44 -12.48 -9.37
N LEU D 201 -32.91 -12.43 -10.62
CA LEU D 201 -34.32 -12.31 -10.91
C LEU D 201 -34.96 -13.69 -10.99
N SER D 202 -36.15 -13.82 -10.41
CA SER D 202 -36.90 -15.07 -10.46
C SER D 202 -37.69 -15.25 -11.75
N LEU D 203 -37.85 -14.19 -12.54
CA LEU D 203 -38.54 -14.23 -13.81
C LEU D 203 -37.94 -13.18 -14.74
N PRO D 204 -37.63 -13.52 -16.00
CA PRO D 204 -37.07 -12.52 -16.90
C PRO D 204 -37.99 -11.34 -17.07
N VAL D 205 -37.40 -10.18 -17.36
CA VAL D 205 -38.14 -8.93 -17.48
C VAL D 205 -38.01 -8.43 -18.92
N THR D 206 -38.87 -7.47 -19.27
CA THR D 206 -38.92 -6.89 -20.61
C THR D 206 -39.27 -5.42 -20.50
N LYS D 207 -38.72 -4.63 -21.42
CA LYS D 207 -38.98 -3.20 -21.49
C LYS D 207 -39.43 -2.84 -22.91
N SER D 208 -40.51 -2.10 -23.02
CA SER D 208 -41.09 -1.73 -24.31
C SER D 208 -40.77 -0.29 -24.65
N PHE D 209 -41.17 0.12 -25.84
CA PHE D 209 -40.95 1.49 -26.32
C PHE D 209 -42.13 1.88 -27.21
N ASN D 210 -42.01 3.05 -27.84
CA ASN D 210 -43.07 3.56 -28.72
C ASN D 210 -43.12 2.76 -30.02
#